data_5FP2
#
_entry.id   5FP2
#
_cell.length_a   183.120
_cell.length_b   95.280
_cell.length_c   131.830
_cell.angle_alpha   90.00
_cell.angle_beta   127.52
_cell.angle_gamma   90.00
#
_symmetry.space_group_name_H-M   'C 1 2 1'
#
loop_
_entity.id
_entity.type
_entity.pdbx_description
1 polymer 'FERRIC ENTEROBACTIN RECEPTOR PIRA'
2 polymer 'FERRIC ENTEROBACTIN RECEPTOR PIRA'
3 non-polymer N-OCTANE
4 non-polymer 'SULFATE ION'
#
loop_
_entity_poly.entity_id
_entity_poly.type
_entity_poly.pdbx_seq_one_letter_code
_entity_poly.pdbx_strand_id
1 'polypeptide(L)'
;MDIEDERLEELDERAESVVQLGDEVVLGTAEQELKQAPGVSIITAEDIRKRPPVNDLSEIIRTMPGVNLTGNSSSGQRGN
NRQIDIRGMGPENTLILVDGKPVSSRNSVRYGWRGERDTRGDSNWVPPEEVERIEVLRGPAAARYGSGAAGGVVNIITKR
PTDRLRGSMTVFTNIPESSKDGATRRANFSLSGPLTEALSFRAYGSANKTDSDDTDINLGHTVNPSRTVAGREGVRNRDL
SGMLSWQVTPDQVVDFEAGFSRQGNIYAGDTQNNNGTANTQGLADDGAETNRMYRENYAITHNGTWSFGTSRFVAQYDST
RNNRLEEGLAGSVEGQIGADRSFSASKLENYRLSGELNLPLHALFEQVLTVGAEWNKETLNDPSSLKQGFVGSDSLPGTP
AAGSRSPKSKAEIRALYVEDNIELRPGTMLTPGLRLDDHSDFGLNWSPSLNASQTLGEYFTVKAGIARAFKAPNLYQSNP
NYLLYTRGNGCPIQTSSGGCYLVGNENLDAETSVNKELGIEFRRDGWVAGLTYFRNDYKNKIVAPLDVMGQTGTGNNILQ
WSNAKKAVVEGLEGNLLVPLHEDLSWSTNLTYMLQSKDKDTGNPLSVIPEYTLNSTLDWQASERLSTQLTSTIYGRQEPP
KHGTSRNTPVVSRKEVGTYGIWGVSAGYTFSENLSVRGGVSNLFDKRLYRQGNSFDAGAATYNEPGRAYYVSMTTSFLSH
HHHHH
;
A,B
2 'polypeptide(L)' (UNK)(UNK)(UNK)(UNK)(UNK)(UNK)(UNK)(UNK)(UNK)(UNK) X,Z
#
# COMPACT_ATOMS: atom_id res chain seq x y z
N LYS A 35 30.41 5.57 13.43
CA LYS A 35 30.35 4.61 12.28
C LYS A 35 31.27 3.39 12.48
N GLN A 36 32.36 3.56 13.23
CA GLN A 36 33.16 2.42 13.67
C GLN A 36 33.51 2.55 15.15
N ALA A 37 33.42 1.44 15.88
CA ALA A 37 33.93 1.38 17.24
C ALA A 37 34.55 0.01 17.50
N PRO A 38 34.97 -0.25 18.75
CA PRO A 38 35.43 -1.62 18.90
C PRO A 38 34.33 -2.67 18.71
N GLY A 39 34.58 -3.58 17.78
CA GLY A 39 33.81 -4.81 17.68
C GLY A 39 32.54 -4.59 16.89
N VAL A 40 32.26 -3.33 16.54
CA VAL A 40 30.94 -2.96 16.02
C VAL A 40 31.09 -1.98 14.88
N SER A 41 30.30 -2.15 13.81
CA SER A 41 30.45 -1.29 12.65
C SER A 41 29.08 -0.90 12.20
N ILE A 42 28.95 0.27 11.59
CA ILE A 42 27.63 0.71 11.12
C ILE A 42 27.72 1.23 9.70
N ILE A 43 26.85 0.72 8.84
CA ILE A 43 26.78 1.18 7.44
C ILE A 43 25.49 1.94 7.22
N THR A 44 25.57 3.07 6.53
CA THR A 44 24.42 3.95 6.43
C THR A 44 23.73 3.84 5.09
N ALA A 45 22.52 4.39 4.98
CA ALA A 45 21.86 4.50 3.68
C ALA A 45 22.81 5.23 2.73
N GLU A 46 23.37 6.35 3.19
CA GLU A 46 24.32 7.15 2.42
C GLU A 46 25.55 6.34 1.96
N ASP A 47 26.00 5.43 2.81
CA ASP A 47 27.07 4.53 2.44
C ASP A 47 26.71 3.61 1.30
N ILE A 48 25.52 3.04 1.36
CA ILE A 48 25.08 2.03 0.41
C ILE A 48 24.79 2.72 -0.90
N ARG A 49 24.16 3.88 -0.76
CA ARG A 49 23.71 4.73 -1.86
C ARG A 49 24.88 5.19 -2.71
N LYS A 50 26.06 5.30 -2.08
CA LYS A 50 27.29 5.70 -2.78
C LYS A 50 28.00 4.53 -3.46
N ARG A 51 27.76 3.33 -2.94
CA ARG A 51 28.44 2.11 -3.35
C ARG A 51 27.42 0.98 -3.60
N PRO A 52 26.48 1.21 -4.53
CA PRO A 52 25.50 0.19 -4.87
C PRO A 52 26.14 -1.17 -5.09
N PRO A 53 25.68 -2.20 -4.37
CA PRO A 53 26.12 -3.55 -4.70
C PRO A 53 25.66 -4.03 -6.07
N VAL A 54 26.28 -5.09 -6.56
CA VAL A 54 25.82 -5.71 -7.80
C VAL A 54 24.72 -6.74 -7.54
N ASN A 55 24.85 -7.52 -6.48
CA ASN A 55 23.87 -8.56 -6.15
C ASN A 55 23.32 -8.39 -4.75
N ASP A 56 24.17 -8.59 -3.74
CA ASP A 56 23.71 -8.58 -2.35
C ASP A 56 24.54 -7.66 -1.48
N LEU A 57 24.17 -7.56 -0.21
CA LEU A 57 24.79 -6.61 0.70
C LEU A 57 26.14 -7.14 1.24
N SER A 58 26.42 -8.41 0.97
CA SER A 58 27.70 -8.98 1.39
C SER A 58 28.84 -8.17 0.76
N GLU A 59 28.59 -7.64 -0.43
CA GLU A 59 29.62 -6.87 -1.15
C GLU A 59 30.02 -5.60 -0.43
N ILE A 60 29.12 -5.02 0.35
CA ILE A 60 29.46 -3.87 1.17
C ILE A 60 29.82 -4.25 2.60
N ILE A 61 29.15 -5.25 3.14
CA ILE A 61 29.38 -5.65 4.51
C ILE A 61 30.78 -6.18 4.69
N ARG A 62 31.34 -6.77 3.63
CA ARG A 62 32.72 -7.30 3.67
C ARG A 62 33.81 -6.25 3.79
N THR A 63 33.45 -4.97 3.77
CA THR A 63 34.45 -3.92 3.88
C THR A 63 34.67 -3.49 5.33
N MET A 64 33.79 -3.97 6.20
CA MET A 64 33.87 -3.66 7.62
C MET A 64 34.99 -4.51 8.23
N PRO A 65 35.68 -3.95 9.23
CA PRO A 65 36.83 -4.56 9.89
C PRO A 65 36.49 -5.88 10.57
N GLY A 66 37.19 -6.95 10.23
CA GLY A 66 36.92 -8.28 10.79
C GLY A 66 35.91 -9.12 10.01
N VAL A 67 35.55 -8.68 8.80
CA VAL A 67 34.56 -9.36 8.00
C VAL A 67 35.13 -9.77 6.65
N ASN A 68 35.15 -11.07 6.36
CA ASN A 68 35.57 -11.53 5.04
C ASN A 68 34.43 -12.33 4.40
N LEU A 69 34.47 -12.48 3.08
CA LEU A 69 33.65 -13.47 2.39
C LEU A 69 34.45 -14.74 2.15
N THR A 70 33.89 -15.88 2.52
CA THR A 70 34.49 -17.17 2.17
C THR A 70 33.41 -18.21 1.86
N ARG A 82 29.57 -17.56 -1.67
CA ARG A 82 30.39 -16.58 -0.96
C ARG A 82 29.60 -15.90 0.16
N GLN A 83 29.95 -16.23 1.40
CA GLN A 83 29.10 -15.94 2.55
C GLN A 83 29.90 -15.20 3.62
N ILE A 84 29.19 -14.44 4.44
CA ILE A 84 29.83 -13.57 5.43
C ILE A 84 30.47 -14.35 6.59
N ASP A 85 31.69 -13.95 6.92
CA ASP A 85 32.55 -14.69 7.86
C ASP A 85 33.15 -13.67 8.80
N ILE A 86 32.84 -13.75 10.09
CA ILE A 86 33.31 -12.73 11.01
C ILE A 86 34.41 -13.26 11.90
N ARG A 87 35.58 -12.61 11.84
CA ARG A 87 36.66 -12.85 12.77
C ARG A 87 37.13 -14.31 12.64
N GLY A 88 37.09 -14.82 11.41
CA GLY A 88 37.67 -16.12 11.09
C GLY A 88 36.78 -17.31 11.43
N MET A 89 35.60 -17.05 11.96
CA MET A 89 34.87 -18.07 12.69
C MET A 89 34.04 -18.95 11.75
N GLY A 90 33.94 -18.52 10.49
CA GLY A 90 33.09 -19.21 9.51
C GLY A 90 31.72 -18.56 9.39
N PRO A 91 31.01 -18.86 8.28
CA PRO A 91 29.70 -18.31 7.96
C PRO A 91 28.67 -18.79 8.96
N GLU A 92 28.73 -20.08 9.29
CA GLU A 92 27.69 -20.72 10.10
C GLU A 92 27.63 -20.08 11.48
N ASN A 93 28.50 -19.11 11.73
CA ASN A 93 28.53 -18.41 13.00
C ASN A 93 28.35 -16.92 12.81
N THR A 94 27.87 -16.54 11.63
CA THR A 94 27.40 -15.18 11.42
C THR A 94 25.91 -15.24 11.38
N LEU A 95 25.27 -14.42 12.21
CA LEU A 95 23.82 -14.49 12.40
C LEU A 95 23.21 -13.28 11.72
N ILE A 96 22.15 -13.51 10.94
CA ILE A 96 21.61 -12.45 10.11
C ILE A 96 20.17 -12.12 10.44
N LEU A 97 19.98 -10.94 11.04
CA LEU A 97 18.65 -10.49 11.44
C LEU A 97 18.19 -9.35 10.56
N VAL A 98 16.89 -9.26 10.40
CA VAL A 98 16.25 -8.17 9.69
C VAL A 98 15.23 -7.49 10.60
N ASP A 99 15.57 -6.26 11.01
CA ASP A 99 14.90 -5.56 12.10
C ASP A 99 14.89 -6.41 13.37
N GLY A 100 16.05 -6.96 13.69
CA GLY A 100 16.24 -7.68 14.94
C GLY A 100 15.64 -9.07 14.93
N LYS A 101 14.91 -9.42 13.87
CA LYS A 101 14.35 -10.77 13.72
C LYS A 101 15.24 -11.62 12.82
N PRO A 102 15.54 -12.86 13.25
CA PRO A 102 16.31 -13.81 12.46
C PRO A 102 15.58 -14.27 11.19
N VAL A 103 16.33 -14.83 10.24
CA VAL A 103 15.82 -15.05 8.88
C VAL A 103 15.84 -16.49 8.32
N SER A 104 16.75 -17.36 8.79
CA SER A 104 17.01 -18.68 8.16
C SER A 104 15.76 -19.60 8.03
N ASN A 124 19.82 -11.54 -2.50
CA ASN A 124 19.82 -10.32 -1.69
C ASN A 124 18.62 -10.27 -0.73
N TRP A 125 18.92 -10.33 0.56
CA TRP A 125 17.93 -10.40 1.66
C TRP A 125 16.93 -9.24 1.50
N VAL A 126 17.51 -8.04 1.51
CA VAL A 126 16.77 -6.79 1.46
C VAL A 126 17.34 -5.96 0.33
N PRO A 127 16.48 -5.51 -0.60
CA PRO A 127 16.96 -4.54 -1.55
C PRO A 127 17.90 -3.53 -0.90
N PRO A 128 19.12 -3.38 -1.43
CA PRO A 128 20.02 -2.42 -0.83
C PRO A 128 19.34 -1.09 -0.59
N GLU A 129 18.74 -0.56 -1.64
CA GLU A 129 18.30 0.82 -1.64
C GLU A 129 17.13 1.03 -0.68
N GLU A 130 16.62 -0.08 -0.12
CA GLU A 130 15.57 -0.04 0.87
C GLU A 130 16.12 -0.09 2.29
N VAL A 131 17.41 -0.41 2.44
CA VAL A 131 18.05 -0.56 3.75
C VAL A 131 18.40 0.79 4.37
N GLU A 132 18.06 0.97 5.63
CA GLU A 132 18.29 2.23 6.30
C GLU A 132 19.67 2.26 6.95
N ARG A 133 20.03 1.13 7.54
CA ARG A 133 21.33 0.95 8.14
C ARG A 133 21.54 -0.52 8.35
N ILE A 134 22.81 -0.93 8.27
CA ILE A 134 23.23 -2.28 8.59
C ILE A 134 24.09 -2.17 9.82
N GLU A 135 23.80 -2.96 10.85
CA GLU A 135 24.60 -2.94 12.09
C GLU A 135 25.41 -4.24 12.18
N VAL A 136 26.73 -4.16 12.27
CA VAL A 136 27.55 -5.36 12.46
C VAL A 136 28.21 -5.44 13.83
N LEU A 137 27.87 -6.53 14.52
CA LEU A 137 28.26 -6.79 15.89
C LEU A 137 29.25 -7.95 15.86
N ARG A 138 30.45 -7.78 16.42
CA ARG A 138 31.49 -8.83 16.36
C ARG A 138 31.97 -9.28 17.73
N GLY A 139 31.90 -10.58 17.99
CA GLY A 139 32.67 -11.18 19.07
C GLY A 139 31.91 -11.15 20.39
N PRO A 140 32.55 -10.66 21.46
CA PRO A 140 31.96 -10.92 22.77
C PRO A 140 30.59 -10.30 22.91
N ALA A 141 30.43 -9.05 22.50
CA ALA A 141 29.17 -8.34 22.72
C ALA A 141 28.00 -8.96 21.93
N ALA A 142 28.30 -10.00 21.15
CA ALA A 142 27.31 -10.64 20.29
C ALA A 142 26.86 -12.03 20.76
N ALA A 143 27.39 -12.50 21.89
CA ALA A 143 27.05 -13.83 22.38
C ALA A 143 25.57 -13.92 22.71
N ARG A 144 25.06 -12.84 23.30
CA ARG A 144 23.65 -12.72 23.69
C ARG A 144 22.64 -13.26 22.65
N TYR A 145 23.02 -13.40 21.38
CA TYR A 145 22.04 -13.78 20.35
C TYR A 145 21.94 -15.29 20.07
N GLY A 146 22.79 -16.04 20.79
CA GLY A 146 22.69 -17.49 20.86
C GLY A 146 23.43 -18.16 19.73
N SER A 147 23.03 -19.38 19.42
CA SER A 147 23.62 -20.17 18.34
C SER A 147 23.59 -19.41 17.02
N GLY A 148 24.60 -19.65 16.20
CA GLY A 148 24.81 -18.91 14.98
C GLY A 148 25.45 -17.54 15.15
N ALA A 149 25.81 -17.16 16.37
CA ALA A 149 26.35 -15.80 16.64
C ALA A 149 27.76 -15.75 17.27
N ALA A 150 28.55 -16.82 17.11
CA ALA A 150 29.89 -16.88 17.70
C ALA A 150 30.87 -15.92 17.04
N GLY A 151 30.71 -15.72 15.73
CA GLY A 151 31.49 -14.75 14.99
C GLY A 151 30.81 -13.39 15.08
N GLY A 152 29.49 -13.42 15.18
CA GLY A 152 28.74 -12.20 15.44
C GLY A 152 27.49 -12.07 14.61
N VAL A 153 26.93 -10.87 14.65
CA VAL A 153 25.59 -10.62 14.18
C VAL A 153 25.66 -9.55 13.13
N VAL A 154 25.06 -9.81 11.98
CA VAL A 154 24.76 -8.77 11.03
C VAL A 154 23.30 -8.49 11.16
N ASN A 155 22.97 -7.23 11.45
CA ASN A 155 21.57 -6.85 11.64
C ASN A 155 21.12 -5.76 10.66
N ILE A 156 20.26 -6.14 9.71
CA ILE A 156 19.90 -5.24 8.62
C ILE A 156 18.59 -4.51 8.88
N ILE A 157 18.66 -3.19 8.87
CA ILE A 157 17.55 -2.36 9.32
C ILE A 157 16.82 -1.61 8.18
N THR A 158 15.51 -1.70 8.22
CA THR A 158 14.69 -1.33 7.07
C THR A 158 14.13 0.08 7.25
N LYS A 159 13.49 0.59 6.22
CA LYS A 159 12.82 1.88 6.31
C LYS A 159 11.37 1.67 6.74
N ARG A 160 10.82 2.61 7.49
CA ARG A 160 9.60 2.34 8.26
C ARG A 160 8.42 3.27 7.90
N PRO A 161 7.18 2.79 8.04
CA PRO A 161 6.05 3.64 7.68
C PRO A 161 6.18 5.05 8.24
N THR A 162 5.69 6.03 7.50
CA THR A 162 5.90 7.42 7.85
C THR A 162 4.60 8.19 7.76
N ASP A 163 4.54 9.35 8.40
CA ASP A 163 3.30 10.14 8.49
C ASP A 163 2.92 10.75 7.15
N ARG A 164 3.85 10.70 6.20
CA ARG A 164 3.66 11.26 4.87
C ARG A 164 3.96 10.17 3.83
N LEU A 165 3.44 10.31 2.63
CA LEU A 165 3.49 9.22 1.66
C LEU A 165 4.82 9.23 0.98
N ARG A 166 5.33 8.06 0.65
CA ARG A 166 6.73 7.92 0.30
C ARG A 166 6.90 6.77 -0.68
N GLY A 167 7.40 7.09 -1.86
CA GLY A 167 7.76 6.07 -2.82
C GLY A 167 9.20 6.21 -3.24
N SER A 168 9.83 5.09 -3.55
CA SER A 168 11.05 5.07 -4.32
C SER A 168 11.11 3.88 -5.28
N MET A 169 11.69 4.12 -6.45
CA MET A 169 12.20 3.07 -7.31
C MET A 169 13.71 3.17 -7.45
N THR A 170 14.32 2.06 -7.87
CA THR A 170 15.73 2.04 -8.22
C THR A 170 15.96 1.04 -9.35
N VAL A 171 16.64 1.49 -10.40
CA VAL A 171 17.17 0.54 -11.35
C VAL A 171 18.68 0.55 -11.36
N PHE A 172 19.25 -0.65 -11.37
CA PHE A 172 20.70 -0.81 -11.37
C PHE A 172 21.09 -1.87 -12.38
N THR A 173 22.20 -1.65 -13.05
CA THR A 173 22.68 -2.57 -14.05
C THR A 173 24.20 -2.55 -14.10
N ASN A 174 24.79 -3.72 -13.98
CA ASN A 174 26.22 -3.88 -14.00
C ASN A 174 26.59 -4.71 -15.20
N ILE A 175 27.41 -4.14 -16.09
CA ILE A 175 27.86 -4.85 -17.28
C ILE A 175 29.38 -5.10 -17.25
N PRO A 176 29.78 -6.36 -17.07
CA PRO A 176 31.17 -6.79 -17.21
C PRO A 176 31.73 -6.42 -18.56
N GLU A 177 32.99 -6.00 -18.60
CA GLU A 177 33.67 -5.72 -19.86
C GLU A 177 33.98 -6.96 -20.66
N SER A 178 34.23 -8.06 -19.96
CA SER A 178 34.33 -9.35 -20.62
C SER A 178 32.94 -9.94 -20.79
N SER A 179 32.62 -10.44 -21.98
CA SER A 179 31.32 -11.09 -22.21
C SER A 179 31.29 -12.50 -21.61
N LYS A 180 32.47 -13.06 -21.34
CA LYS A 180 32.57 -14.22 -20.46
C LYS A 180 31.74 -14.05 -19.21
N ASP A 181 31.99 -12.98 -18.46
CA ASP A 181 31.15 -12.63 -17.31
C ASP A 181 29.78 -12.14 -17.77
N GLY A 182 28.77 -12.31 -16.92
CA GLY A 182 27.39 -12.10 -17.31
C GLY A 182 26.81 -10.89 -16.62
N ALA A 183 25.91 -10.19 -17.31
CA ALA A 183 25.41 -8.91 -16.82
C ALA A 183 24.34 -9.08 -15.74
N THR A 184 24.09 -8.01 -15.01
CA THR A 184 23.06 -7.98 -13.99
C THR A 184 22.18 -6.76 -14.14
N ARG A 185 20.88 -6.99 -14.02
CA ARG A 185 19.93 -5.91 -13.83
C ARG A 185 19.11 -6.18 -12.60
N ARG A 186 19.08 -5.22 -11.68
CA ARG A 186 18.14 -5.28 -10.59
C ARG A 186 17.33 -4.00 -10.44
N ALA A 187 16.28 -4.08 -9.65
CA ALA A 187 15.12 -3.21 -9.79
C ALA A 187 14.29 -3.35 -8.53
N ASN A 188 14.04 -2.24 -7.86
CA ASN A 188 13.27 -2.29 -6.63
C ASN A 188 12.60 -0.99 -6.27
N PHE A 189 11.66 -1.09 -5.34
CA PHE A 189 10.73 -0.02 -5.05
C PHE A 189 10.48 -0.08 -3.54
N SER A 190 10.18 1.07 -2.97
CA SER A 190 9.61 1.06 -1.64
C SER A 190 8.51 2.10 -1.52
N LEU A 191 7.33 1.65 -1.11
CA LEU A 191 6.20 2.55 -0.89
C LEU A 191 5.81 2.50 0.58
N SER A 192 5.50 3.66 1.14
CA SER A 192 5.18 3.75 2.56
C SER A 192 4.38 5.02 2.85
N GLY A 193 3.54 4.96 3.87
CA GLY A 193 2.65 6.07 4.15
C GLY A 193 1.52 5.77 5.12
N PRO A 194 0.66 6.75 5.34
CA PRO A 194 -0.45 6.53 6.25
C PRO A 194 -1.68 6.11 5.51
N LEU A 195 -2.48 5.28 6.15
CA LEU A 195 -3.84 5.03 5.71
C LEU A 195 -4.79 5.87 6.54
N THR A 196 -4.52 5.86 7.84
CA THR A 196 -5.45 6.23 8.87
C THR A 196 -4.63 6.92 9.96
N GLU A 197 -5.30 7.60 10.89
CA GLU A 197 -4.61 8.17 12.04
C GLU A 197 -3.88 7.10 12.84
N ALA A 198 -4.36 5.87 12.76
CA ALA A 198 -3.82 4.78 13.55
C ALA A 198 -3.08 3.75 12.72
N LEU A 199 -3.33 3.71 11.41
CA LEU A 199 -2.68 2.73 10.54
C LEU A 199 -1.69 3.37 9.56
N SER A 200 -0.56 2.69 9.42
CA SER A 200 0.48 3.01 8.43
C SER A 200 0.96 1.72 7.78
N PHE A 201 1.44 1.86 6.56
CA PHE A 201 1.96 0.71 5.84
C PHE A 201 3.34 1.02 5.25
N ARG A 202 4.04 -0.04 4.87
CA ARG A 202 5.24 0.08 4.02
C ARG A 202 5.49 -1.19 3.22
N ALA A 203 5.49 -1.08 1.89
CA ALA A 203 5.82 -2.21 1.01
C ALA A 203 7.14 -1.97 0.27
N TYR A 204 7.96 -3.03 0.16
CA TYR A 204 9.17 -3.03 -0.68
C TYR A 204 9.44 -4.36 -1.35
N GLY A 205 10.11 -4.31 -2.50
CA GLY A 205 10.15 -5.48 -3.36
C GLY A 205 11.15 -5.28 -4.46
N SER A 206 11.53 -6.38 -5.10
CA SER A 206 12.73 -6.34 -5.95
C SER A 206 12.71 -7.49 -6.95
N ALA A 207 13.35 -7.23 -8.08
CA ALA A 207 13.45 -8.21 -9.13
C ALA A 207 14.85 -8.09 -9.75
N ASN A 208 15.49 -9.24 -9.96
CA ASN A 208 16.95 -9.31 -10.08
C ASN A 208 17.32 -10.40 -11.06
N LYS A 209 18.03 -10.04 -12.12
CA LYS A 209 18.29 -10.97 -13.18
C LYS A 209 19.78 -10.96 -13.41
N THR A 210 20.39 -12.14 -13.48
CA THR A 210 21.83 -12.22 -13.60
C THR A 210 22.24 -13.31 -14.57
N ASP A 211 22.70 -12.88 -15.74
CA ASP A 211 22.93 -13.78 -16.85
C ASP A 211 23.99 -14.78 -16.48
N SER A 212 23.91 -15.98 -17.05
CA SER A 212 24.94 -16.98 -16.82
C SER A 212 26.16 -16.64 -17.67
N ASP A 213 27.30 -16.41 -17.03
CA ASP A 213 28.54 -16.26 -17.76
C ASP A 213 28.98 -17.58 -18.43
N ASP A 214 29.12 -17.54 -19.76
CA ASP A 214 29.68 -18.67 -20.53
C ASP A 214 31.20 -18.54 -20.71
N GLY A 234 20.27 -17.77 -17.06
CA GLY A 234 20.78 -17.09 -15.87
C GLY A 234 20.03 -17.40 -14.59
N VAL A 235 19.99 -16.43 -13.68
CA VAL A 235 19.39 -16.60 -12.36
C VAL A 235 18.45 -15.44 -12.04
N ARG A 236 17.30 -15.73 -11.46
CA ARG A 236 16.32 -14.69 -11.19
C ARG A 236 16.06 -14.64 -9.68
N ASN A 237 15.78 -13.45 -9.17
CA ASN A 237 15.17 -13.31 -7.84
C ASN A 237 14.02 -12.32 -7.84
N ARG A 238 12.99 -12.66 -7.09
CA ARG A 238 11.91 -11.73 -6.82
C ARG A 238 11.58 -11.83 -5.35
N ASP A 239 11.40 -10.68 -4.72
CA ASP A 239 10.91 -10.68 -3.36
C ASP A 239 9.97 -9.52 -3.17
N LEU A 240 9.02 -9.72 -2.26
CA LEU A 240 8.17 -8.64 -1.79
C LEU A 240 7.90 -8.84 -0.30
N SER A 241 7.82 -7.74 0.45
CA SER A 241 7.47 -7.80 1.86
C SER A 241 6.59 -6.62 2.21
N GLY A 242 5.50 -6.87 2.93
CA GLY A 242 4.58 -5.81 3.35
C GLY A 242 4.49 -5.66 4.84
N MET A 243 4.30 -4.44 5.30
CA MET A 243 4.10 -4.20 6.72
C MET A 243 2.91 -3.30 6.98
N LEU A 244 2.10 -3.71 7.93
CA LEU A 244 0.96 -2.93 8.38
C LEU A 244 1.26 -2.54 9.79
N SER A 245 1.20 -1.24 10.08
CA SER A 245 1.56 -0.80 11.41
C SER A 245 0.38 -0.16 12.13
N TRP A 246 0.11 -0.59 13.35
CA TRP A 246 -1.05 -0.11 14.06
C TRP A 246 -0.67 0.57 15.38
N GLN A 247 -0.95 1.86 15.46
CA GLN A 247 -0.71 2.62 16.68
C GLN A 247 -1.90 2.52 17.60
N VAL A 248 -1.85 1.54 18.49
CA VAL A 248 -2.96 1.19 19.36
C VAL A 248 -3.12 2.31 20.37
N THR A 249 -1.99 2.82 20.84
CA THR A 249 -1.90 3.92 21.79
C THR A 249 -0.67 4.77 21.44
N PRO A 250 -0.60 5.98 21.99
CA PRO A 250 0.65 6.69 21.80
C PRO A 250 1.86 5.93 22.35
N ASP A 251 1.62 4.92 23.19
CA ASP A 251 2.72 4.18 23.79
C ASP A 251 2.81 2.74 23.29
N GLN A 252 2.04 2.39 22.27
CA GLN A 252 2.03 1.01 21.77
C GLN A 252 1.93 0.93 20.25
N VAL A 253 2.67 0.00 19.67
CA VAL A 253 2.61 -0.23 18.24
C VAL A 253 2.63 -1.73 18.00
N VAL A 254 1.72 -2.20 17.14
CA VAL A 254 1.79 -3.56 16.66
C VAL A 254 2.17 -3.53 15.18
N ASP A 255 3.09 -4.38 14.75
CA ASP A 255 3.35 -4.56 13.33
C ASP A 255 2.92 -5.93 12.83
N PHE A 256 2.08 -5.94 11.80
CA PHE A 256 1.77 -7.14 11.03
C PHE A 256 2.63 -7.13 9.80
N GLU A 257 3.39 -8.20 9.56
CA GLU A 257 4.29 -8.27 8.40
C GLU A 257 4.11 -9.55 7.61
N ALA A 258 4.39 -9.49 6.31
CA ALA A 258 4.30 -10.70 5.51
C ALA A 258 4.92 -10.49 4.13
N GLY A 259 5.39 -11.58 3.53
CA GLY A 259 6.03 -11.47 2.24
C GLY A 259 6.69 -12.76 1.81
N PHE A 260 7.28 -12.72 0.64
CA PHE A 260 7.86 -13.93 0.07
C PHE A 260 9.19 -13.55 -0.58
N SER A 261 10.05 -14.55 -0.77
CA SER A 261 11.10 -14.46 -1.76
C SER A 261 11.09 -15.72 -2.60
N ARG A 262 11.44 -15.54 -3.86
CA ARG A 262 11.33 -16.57 -4.86
C ARG A 262 12.59 -16.50 -5.69
N GLN A 263 13.09 -17.65 -6.10
CA GLN A 263 14.31 -17.70 -6.89
C GLN A 263 14.25 -18.82 -7.92
N GLY A 264 14.64 -18.50 -9.15
CA GLY A 264 14.71 -19.48 -10.22
C GLY A 264 16.02 -19.43 -10.97
N ASN A 265 16.10 -20.22 -12.05
CA ASN A 265 17.16 -20.07 -13.05
C ASN A 265 16.80 -20.79 -14.35
N THR A 290 16.26 -27.82 -12.92
CA THR A 290 16.65 -26.50 -12.44
C THR A 290 16.41 -26.37 -10.92
N ASN A 291 17.10 -25.42 -10.31
CA ASN A 291 16.99 -25.14 -8.87
C ASN A 291 15.97 -24.03 -8.57
N ARG A 292 14.94 -24.36 -7.80
CA ARG A 292 13.93 -23.37 -7.43
C ARG A 292 13.88 -23.26 -5.90
N MET A 293 13.53 -22.08 -5.42
CA MET A 293 13.32 -21.91 -4.00
C MET A 293 12.21 -20.90 -3.77
N TYR A 294 11.23 -21.30 -2.97
CA TYR A 294 10.17 -20.39 -2.57
C TYR A 294 10.08 -20.31 -1.05
N ARG A 295 10.14 -19.08 -0.55
CA ARG A 295 10.11 -18.81 0.88
C ARG A 295 8.98 -17.81 1.18
N GLU A 296 8.26 -18.01 2.27
CA GLU A 296 7.24 -17.07 2.72
C GLU A 296 7.44 -16.75 4.16
N ASN A 297 6.96 -15.59 4.60
CA ASN A 297 7.24 -15.11 5.95
C ASN A 297 6.12 -14.29 6.58
N TYR A 298 5.79 -14.61 7.83
CA TYR A 298 4.77 -13.90 8.61
C TYR A 298 5.39 -13.49 9.95
N ALA A 299 5.02 -12.30 10.44
CA ALA A 299 5.41 -11.88 11.77
C ALA A 299 4.40 -10.90 12.37
N ILE A 300 4.21 -10.99 13.69
CA ILE A 300 3.53 -9.93 14.41
C ILE A 300 4.42 -9.39 15.53
N THR A 301 4.40 -8.07 15.72
CA THR A 301 5.34 -7.44 16.66
C THR A 301 4.61 -6.46 17.55
N HIS A 302 4.78 -6.57 18.85
CA HIS A 302 4.27 -5.58 19.76
C HIS A 302 5.44 -4.84 20.44
N ASN A 303 5.43 -3.51 20.34
CA ASN A 303 6.42 -2.66 20.95
C ASN A 303 5.71 -1.71 21.91
N GLY A 304 5.88 -1.92 23.22
CA GLY A 304 5.35 -0.98 24.21
C GLY A 304 6.42 -0.16 24.92
N THR A 305 6.18 1.13 25.07
CA THR A 305 6.96 1.98 25.97
C THR A 305 6.15 2.27 27.22
N TRP A 306 6.65 1.85 28.37
CA TRP A 306 5.87 1.83 29.58
C TRP A 306 6.55 2.75 30.58
N SER A 307 5.92 2.98 31.72
CA SER A 307 6.53 3.82 32.75
C SER A 307 7.88 3.24 33.18
N PHE A 308 7.92 1.91 33.32
CA PHE A 308 9.10 1.22 33.84
C PHE A 308 10.06 0.77 32.75
N GLY A 309 9.89 1.26 31.53
CA GLY A 309 10.80 0.89 30.46
C GLY A 309 10.07 0.46 29.20
N THR A 310 10.59 -0.53 28.49
CA THR A 310 10.04 -0.91 27.20
C THR A 310 10.00 -2.42 26.99
N SER A 311 9.22 -2.84 25.99
CA SER A 311 8.96 -4.25 25.72
C SER A 311 8.84 -4.49 24.22
N ARG A 312 9.19 -5.70 23.79
CA ARG A 312 9.10 -6.07 22.40
C ARG A 312 8.84 -7.56 22.31
N PHE A 313 7.62 -7.91 21.93
CA PHE A 313 7.26 -9.30 21.73
C PHE A 313 7.10 -9.59 20.24
N VAL A 314 7.61 -10.74 19.83
CA VAL A 314 7.61 -11.15 18.44
C VAL A 314 7.06 -12.56 18.25
N ALA A 315 6.08 -12.69 17.37
CA ALA A 315 5.71 -13.98 16.80
C ALA A 315 6.19 -14.04 15.35
N GLN A 316 6.49 -15.22 14.86
CA GLN A 316 7.10 -15.31 13.55
C GLN A 316 6.85 -16.68 12.93
N TYR A 317 6.62 -16.71 11.63
CA TYR A 317 6.62 -17.98 10.90
C TYR A 317 7.37 -17.85 9.58
N ASP A 318 8.19 -18.85 9.25
CA ASP A 318 8.89 -18.93 7.95
C ASP A 318 8.66 -20.32 7.32
N SER A 319 8.30 -20.34 6.05
CA SER A 319 8.37 -21.58 5.28
C SER A 319 9.44 -21.41 4.22
N THR A 320 10.00 -22.52 3.75
CA THR A 320 10.88 -22.51 2.61
C THR A 320 10.77 -23.82 1.86
N ARG A 321 10.52 -23.74 0.56
CA ARG A 321 10.51 -24.93 -0.28
C ARG A 321 11.64 -24.88 -1.28
N ASN A 322 12.29 -26.01 -1.52
CA ASN A 322 13.38 -26.09 -2.49
C ASN A 322 13.09 -27.19 -3.51
N ASN A 323 13.09 -26.85 -4.79
CA ASN A 323 13.00 -27.86 -5.85
C ASN A 323 14.34 -28.13 -6.53
N ARG A 324 14.42 -29.29 -7.19
CA ARG A 324 15.70 -29.86 -7.59
C ARG A 324 15.66 -30.32 -9.05
N LEU A 325 16.85 -30.54 -9.59
CA LEU A 325 17.04 -30.78 -11.03
C LEU A 325 16.12 -31.88 -11.55
N SER A 344 12.42 -34.19 -6.71
CA SER A 344 12.42 -34.25 -5.25
C SER A 344 12.44 -32.85 -4.65
N ALA A 345 11.64 -32.66 -3.60
CA ALA A 345 11.43 -31.35 -2.97
C ALA A 345 11.72 -31.45 -1.48
N SER A 346 11.88 -30.31 -0.82
CA SER A 346 12.10 -30.31 0.63
C SER A 346 11.54 -29.03 1.25
N LYS A 347 10.90 -29.16 2.40
CA LYS A 347 10.25 -28.02 3.03
C LYS A 347 10.76 -27.84 4.44
N LEU A 348 10.98 -26.59 4.81
CA LEU A 348 11.56 -26.22 6.10
C LEU A 348 10.64 -25.16 6.69
N GLU A 349 10.40 -25.23 8.00
CA GLU A 349 9.56 -24.22 8.66
C GLU A 349 9.99 -23.87 10.07
N ASN A 350 9.95 -22.56 10.36
CA ASN A 350 10.30 -22.06 11.67
C ASN A 350 9.16 -21.35 12.38
N TYR A 351 8.95 -21.71 13.64
CA TYR A 351 8.12 -20.91 14.50
C TYR A 351 9.00 -20.24 15.54
N ARG A 352 8.79 -18.96 15.81
CA ARG A 352 9.52 -18.24 16.83
C ARG A 352 8.61 -17.37 17.72
N LEU A 353 8.87 -17.39 19.02
CA LEU A 353 8.34 -16.38 19.95
C LEU A 353 9.45 -15.72 20.75
N SER A 354 9.26 -14.48 21.15
CA SER A 354 10.36 -13.65 21.68
C SER A 354 9.81 -12.57 22.59
N GLY A 355 10.48 -12.37 23.73
CA GLY A 355 10.11 -11.31 24.65
C GLY A 355 11.38 -10.59 25.05
N GLU A 356 11.34 -9.27 25.07
CA GLU A 356 12.44 -8.50 25.61
C GLU A 356 11.96 -7.28 26.38
N LEU A 357 12.47 -7.15 27.59
CA LEU A 357 12.19 -6.01 28.45
C LEU A 357 13.45 -5.22 28.59
N ASN A 358 13.32 -3.89 28.58
CA ASN A 358 14.40 -3.02 29.01
C ASN A 358 13.94 -2.11 30.13
N LEU A 359 14.51 -2.33 31.33
CA LEU A 359 14.10 -1.58 32.51
C LEU A 359 15.27 -0.77 33.10
N PRO A 360 15.30 0.53 32.82
CA PRO A 360 16.29 1.38 33.46
C PRO A 360 16.06 1.48 34.95
N LEU A 361 17.13 1.30 35.72
CA LEU A 361 17.09 1.41 37.18
C LEU A 361 18.09 2.47 37.68
N HIS A 362 17.83 3.04 38.86
CA HIS A 362 18.77 3.95 39.51
C HIS A 362 19.38 3.36 40.79
N ALA A 363 19.13 2.09 41.04
CA ALA A 363 19.51 1.46 42.30
C ALA A 363 20.99 1.14 42.33
N LEU A 364 21.69 1.67 43.33
CA LEU A 364 23.11 1.44 43.47
C LEU A 364 23.85 2.32 42.46
N PHE A 365 23.76 1.97 41.19
CA PHE A 365 24.31 2.78 40.11
C PHE A 365 23.27 2.90 38.99
N GLU A 366 23.36 3.94 38.17
CA GLU A 366 22.49 4.05 37.01
C GLU A 366 22.76 2.87 36.08
N GLN A 367 21.70 2.24 35.59
CA GLN A 367 21.85 1.04 34.77
C GLN A 367 20.59 0.72 33.97
N VAL A 368 20.72 -0.13 32.95
CA VAL A 368 19.56 -0.59 32.22
C VAL A 368 19.49 -2.11 32.14
N LEU A 369 18.63 -2.70 32.98
CA LEU A 369 18.46 -4.15 32.98
C LEU A 369 17.67 -4.61 31.77
N THR A 370 18.21 -5.57 31.03
CA THR A 370 17.50 -6.17 29.91
C THR A 370 17.25 -7.64 30.22
N VAL A 371 16.03 -8.08 29.99
CA VAL A 371 15.69 -9.47 30.23
C VAL A 371 14.98 -9.95 28.99
N GLY A 372 15.28 -11.16 28.56
CA GLY A 372 14.74 -11.66 27.31
C GLY A 372 14.62 -13.17 27.25
N ALA A 373 13.58 -13.63 26.54
CA ALA A 373 13.29 -15.06 26.38
C ALA A 373 12.92 -15.38 24.94
N GLU A 374 13.28 -16.59 24.50
CA GLU A 374 13.05 -17.01 23.13
C GLU A 374 12.48 -18.41 23.13
N TRP A 375 11.55 -18.67 22.23
CA TRP A 375 11.13 -20.04 21.97
C TRP A 375 11.05 -20.23 20.47
N ASN A 376 11.46 -21.41 20.01
CA ASN A 376 11.88 -21.58 18.63
C ASN A 376 11.64 -23.03 18.24
N LYS A 377 10.89 -23.25 17.17
CA LYS A 377 10.75 -24.60 16.65
C LYS A 377 11.14 -24.58 15.20
N GLU A 378 11.88 -25.60 14.74
CA GLU A 378 12.15 -25.76 13.33
C GLU A 378 11.85 -27.17 12.88
N THR A 379 11.16 -27.29 11.75
CA THR A 379 10.77 -28.58 11.21
C THR A 379 11.34 -28.72 9.80
N LEU A 380 11.76 -29.93 9.47
CA LEU A 380 12.29 -30.22 8.15
C LEU A 380 11.66 -31.47 7.56
N ASN A 381 11.15 -31.33 6.34
CA ASN A 381 10.66 -32.47 5.60
C ASN A 381 11.36 -32.59 4.26
N ASP A 382 12.01 -33.73 4.03
CA ASP A 382 12.84 -33.96 2.85
C ASP A 382 12.98 -35.46 2.65
N PRO A 383 12.27 -36.01 1.66
CA PRO A 383 12.37 -37.44 1.40
C PRO A 383 13.58 -37.84 0.57
N SER A 384 14.66 -37.05 0.62
CA SER A 384 15.98 -37.54 0.25
C SER A 384 16.74 -37.95 1.51
N SER A 385 16.67 -39.25 1.82
CA SER A 385 17.21 -39.75 3.08
C SER A 385 17.25 -41.27 3.06
N SER A 406 10.24 -41.90 7.93
CA SER A 406 10.85 -40.93 8.84
C SER A 406 11.39 -39.72 8.10
N PRO A 407 10.52 -39.04 7.32
CA PRO A 407 10.99 -37.93 6.49
C PRO A 407 11.09 -36.61 7.25
N LYS A 408 10.40 -36.52 8.38
CA LYS A 408 10.33 -35.28 9.16
C LYS A 408 11.42 -35.21 10.24
N SER A 409 11.87 -34.00 10.53
CA SER A 409 12.79 -33.78 11.62
C SER A 409 12.43 -32.50 12.34
N LYS A 410 12.39 -32.56 13.67
CA LYS A 410 12.07 -31.39 14.47
C LYS A 410 13.19 -31.02 15.46
N ALA A 411 13.05 -29.84 16.05
CA ALA A 411 13.94 -29.37 17.10
C ALA A 411 13.26 -28.17 17.75
N GLU A 412 13.32 -28.08 19.07
CA GLU A 412 12.80 -26.93 19.80
C GLU A 412 13.97 -26.24 20.49
N ILE A 413 13.88 -24.92 20.66
CA ILE A 413 14.90 -24.15 21.38
C ILE A 413 14.22 -23.25 22.40
N ARG A 414 14.65 -23.34 23.65
CA ARG A 414 14.23 -22.38 24.67
C ARG A 414 15.43 -21.56 25.12
N ALA A 415 15.23 -20.28 25.41
CA ALA A 415 16.31 -19.51 26.03
C ALA A 415 15.81 -18.39 26.93
N LEU A 416 16.60 -18.12 27.97
CA LEU A 416 16.56 -16.85 28.68
C LEU A 416 17.88 -16.17 28.49
N TYR A 417 17.87 -14.85 28.60
CA TYR A 417 19.10 -14.10 28.78
C TYR A 417 18.89 -12.84 29.64
N VAL A 418 19.95 -12.46 30.34
CA VAL A 418 19.97 -11.24 31.14
C VAL A 418 21.25 -10.47 30.81
N GLU A 419 21.09 -9.22 30.42
CA GLU A 419 22.21 -8.33 30.31
C GLU A 419 21.86 -7.18 31.24
N ASP A 420 22.85 -6.69 31.97
CA ASP A 420 22.68 -5.47 32.73
C ASP A 420 23.81 -4.51 32.39
N ASN A 421 23.44 -3.38 31.80
CA ASN A 421 24.41 -2.36 31.42
C ASN A 421 24.57 -1.30 32.51
N ILE A 422 25.70 -1.32 33.22
CA ILE A 422 25.82 -0.55 34.45
C ILE A 422 26.79 0.62 34.28
N GLU A 423 26.37 1.80 34.73
CA GLU A 423 27.25 2.95 34.82
C GLU A 423 27.91 3.03 36.20
N LEU A 424 29.10 2.47 36.32
CA LEU A 424 29.82 2.53 37.59
C LEU A 424 30.19 3.96 37.90
N ARG A 425 30.55 4.70 36.85
CA ARG A 425 30.83 6.12 36.99
C ARG A 425 30.76 6.76 35.60
N PRO A 426 30.44 8.06 35.54
CA PRO A 426 30.44 8.68 34.22
C PRO A 426 31.75 8.42 33.49
N GLY A 427 31.69 7.68 32.39
CA GLY A 427 32.90 7.31 31.63
C GLY A 427 33.25 5.84 31.76
N THR A 428 32.68 5.16 32.76
CA THR A 428 32.93 3.73 32.92
C THR A 428 31.64 2.93 32.78
N MET A 429 31.66 1.95 31.89
CA MET A 429 30.54 1.04 31.67
C MET A 429 30.95 -0.40 31.92
N LEU A 430 30.21 -1.08 32.79
CA LEU A 430 30.37 -2.51 33.02
C LEU A 430 29.05 -3.22 32.72
N THR A 431 29.10 -4.27 31.90
CA THR A 431 27.92 -4.89 31.31
C THR A 431 28.03 -6.41 31.35
N PRO A 432 27.73 -7.01 32.52
CA PRO A 432 27.61 -8.45 32.58
C PRO A 432 26.31 -8.97 31.96
N GLY A 433 26.32 -10.23 31.56
CA GLY A 433 25.11 -10.89 31.06
C GLY A 433 25.29 -12.40 31.02
N LEU A 434 24.19 -13.12 31.09
CA LEU A 434 24.23 -14.57 30.98
C LEU A 434 23.10 -15.00 30.07
N ARG A 435 23.33 -16.02 29.25
CA ARG A 435 22.27 -16.55 28.40
C ARG A 435 22.20 -18.05 28.51
N LEU A 436 21.01 -18.55 28.88
CA LEU A 436 20.75 -19.99 28.88
C LEU A 436 20.04 -20.42 27.62
N ASP A 437 20.66 -21.31 26.86
CA ASP A 437 20.04 -21.84 25.65
C ASP A 437 19.79 -23.33 25.85
N ASP A 438 18.52 -23.73 25.92
CA ASP A 438 18.20 -25.15 26.04
C ASP A 438 17.76 -25.71 24.72
N HIS A 439 18.41 -26.79 24.31
CA HIS A 439 18.18 -27.37 22.99
C HIS A 439 17.58 -28.76 23.12
N SER A 440 16.64 -29.10 22.25
CA SER A 440 15.89 -30.33 22.39
C SER A 440 16.78 -31.56 22.18
N ASP A 441 17.67 -31.49 21.20
CA ASP A 441 18.62 -32.56 20.95
C ASP A 441 19.82 -32.54 21.90
N PHE A 442 20.25 -31.34 22.31
CA PHE A 442 21.65 -31.10 22.71
C PHE A 442 21.84 -30.56 24.15
N GLY A 443 20.74 -30.43 24.88
CA GLY A 443 20.81 -29.97 26.27
C GLY A 443 21.12 -28.49 26.40
N LEU A 444 21.75 -28.13 27.51
CA LEU A 444 21.89 -26.73 27.91
C LEU A 444 23.24 -26.14 27.48
N ASN A 445 23.26 -24.85 27.21
CA ASN A 445 24.49 -24.15 26.86
C ASN A 445 24.52 -22.79 27.54
N TRP A 446 25.47 -22.62 28.46
CA TRP A 446 25.61 -21.34 29.14
C TRP A 446 26.59 -20.46 28.38
N SER A 447 26.20 -19.20 28.21
CA SER A 447 26.98 -18.24 27.43
C SER A 447 27.14 -16.99 28.29
N PRO A 448 28.03 -17.04 29.29
CA PRO A 448 28.22 -15.87 30.12
C PRO A 448 29.13 -14.85 29.47
N SER A 449 28.93 -13.58 29.78
CA SER A 449 29.71 -12.55 29.14
C SER A 449 29.90 -11.34 30.03
N LEU A 450 31.09 -10.76 29.94
CA LEU A 450 31.37 -9.46 30.54
C LEU A 450 31.99 -8.58 29.48
N ASN A 451 31.45 -7.38 29.35
CA ASN A 451 32.00 -6.37 28.47
C ASN A 451 32.13 -5.09 29.26
N ALA A 452 33.09 -4.24 28.92
CA ALA A 452 33.22 -2.98 29.62
C ALA A 452 33.93 -1.91 28.79
N SER A 453 33.62 -0.66 29.10
CA SER A 453 34.27 0.48 28.44
C SER A 453 34.68 1.56 29.44
N GLN A 454 35.85 2.14 29.23
CA GLN A 454 36.32 3.28 30.02
C GLN A 454 36.81 4.39 29.09
N THR A 455 36.39 5.61 29.36
CA THR A 455 36.85 6.77 28.63
C THR A 455 38.13 7.37 29.25
N LEU A 456 39.06 7.77 28.39
CA LEU A 456 40.36 8.28 28.84
C LEU A 456 40.57 9.73 28.40
N GLY A 457 39.83 10.65 29.03
CA GLY A 457 39.75 12.01 28.54
C GLY A 457 38.67 12.15 27.48
N GLU A 458 38.62 13.29 26.81
CA GLU A 458 37.56 13.55 25.85
C GLU A 458 37.74 12.75 24.57
N TYR A 459 38.97 12.34 24.28
CA TYR A 459 39.33 11.96 22.91
C TYR A 459 39.65 10.47 22.75
N PHE A 460 39.74 9.74 23.84
CA PHE A 460 40.09 8.32 23.76
C PHE A 460 39.02 7.47 24.44
N THR A 461 38.95 6.20 24.06
CA THR A 461 38.14 5.22 24.78
C THR A 461 38.76 3.83 24.67
N VAL A 462 38.67 3.05 25.74
CA VAL A 462 39.13 1.68 25.75
C VAL A 462 37.93 0.77 25.90
N LYS A 463 37.96 -0.36 25.20
CA LYS A 463 36.89 -1.33 25.33
C LYS A 463 37.48 -2.73 25.38
N ALA A 464 36.94 -3.53 26.29
CA ALA A 464 37.26 -4.94 26.32
C ALA A 464 36.01 -5.75 26.65
N GLY A 465 36.04 -7.02 26.27
CA GLY A 465 35.12 -7.98 26.80
C GLY A 465 35.65 -9.40 26.66
N ILE A 466 34.90 -10.32 27.24
CA ILE A 466 35.14 -11.74 27.10
C ILE A 466 33.79 -12.47 27.15
N ALA A 467 33.61 -13.53 26.37
CA ALA A 467 32.35 -14.27 26.36
C ALA A 467 32.46 -15.69 25.82
N ARG A 468 31.67 -16.59 26.42
CA ARG A 468 31.44 -17.92 25.85
C ARG A 468 30.31 -17.88 24.78
N ALA A 469 30.45 -18.70 23.74
CA ALA A 469 29.52 -18.69 22.64
C ALA A 469 29.51 -20.09 22.05
N PHE A 470 28.45 -20.42 21.32
CA PHE A 470 28.36 -21.74 20.72
C PHE A 470 27.71 -21.71 19.34
N LYS A 471 27.78 -22.86 18.67
CA LYS A 471 26.94 -23.17 17.52
C LYS A 471 26.38 -24.59 17.65
N ALA A 472 25.05 -24.70 17.78
CA ALA A 472 24.36 -25.98 17.73
C ALA A 472 24.26 -26.46 16.31
N PRO A 473 24.41 -27.77 16.10
CA PRO A 473 24.25 -28.32 14.76
C PRO A 473 22.81 -28.21 14.27
N ASN A 474 22.62 -28.25 12.95
CA ASN A 474 21.28 -28.22 12.39
C ASN A 474 20.75 -29.62 12.11
N LEU A 475 19.51 -29.71 11.65
CA LEU A 475 18.83 -30.99 11.53
C LEU A 475 19.54 -31.91 10.54
N TYR A 476 20.28 -31.34 9.59
CA TYR A 476 20.90 -32.16 8.55
C TYR A 476 22.09 -32.90 9.14
N GLN A 477 22.73 -32.23 10.09
CA GLN A 477 24.04 -32.65 10.65
C GLN A 477 23.87 -33.56 11.85
N SER A 478 22.74 -33.39 12.56
CA SER A 478 22.52 -34.12 13.79
C SER A 478 21.71 -35.39 13.55
N ASN A 479 21.33 -35.64 12.30
CA ASN A 479 20.47 -36.78 11.99
C ASN A 479 21.10 -37.71 10.96
N PRO A 480 21.43 -38.94 11.37
CA PRO A 480 22.15 -39.89 10.52
C PRO A 480 21.35 -40.38 9.32
N ASN A 481 20.04 -40.12 9.31
CA ASN A 481 19.20 -40.60 8.24
C ASN A 481 19.31 -39.76 6.98
N TYR A 482 19.75 -38.51 7.12
CA TYR A 482 19.92 -37.64 5.97
C TYR A 482 21.27 -37.82 5.31
N LEU A 483 21.26 -38.04 4.01
CA LEU A 483 22.49 -38.15 3.22
C LEU A 483 22.50 -37.14 2.06
N LEU A 484 23.58 -36.35 2.01
CA LEU A 484 23.69 -35.22 1.10
C LEU A 484 24.89 -35.44 0.17
N TYR A 485 24.80 -34.99 -1.07
CA TYR A 485 25.86 -35.22 -2.06
C TYR A 485 26.05 -34.02 -2.97
N TYR A 501 28.36 -38.99 -0.60
CA TYR A 501 27.39 -38.38 0.28
C TYR A 501 28.03 -37.97 1.62
N LEU A 502 27.34 -37.12 2.38
CA LEU A 502 27.64 -36.96 3.80
C LEU A 502 26.44 -37.10 4.75
N VAL A 503 26.72 -37.73 5.87
CA VAL A 503 25.72 -38.26 6.77
C VAL A 503 25.68 -37.40 8.02
N GLY A 504 24.48 -37.23 8.58
CA GLY A 504 24.34 -36.64 9.90
C GLY A 504 25.03 -37.51 10.94
N ASN A 505 24.99 -37.03 12.18
CA ASN A 505 25.77 -37.62 13.25
C ASN A 505 25.09 -37.31 14.59
N GLU A 506 24.49 -38.32 15.19
CA GLU A 506 23.66 -38.09 16.37
C GLU A 506 24.47 -37.78 17.61
N ASN A 507 25.78 -38.03 17.55
CA ASN A 507 26.61 -37.80 18.72
C ASN A 507 27.47 -36.55 18.57
N LEU A 508 27.04 -35.61 17.73
CA LEU A 508 27.80 -34.38 17.53
C LEU A 508 27.75 -33.56 18.82
N ASP A 509 28.84 -32.86 19.12
CA ASP A 509 28.84 -31.84 20.17
C ASP A 509 28.74 -30.46 19.52
N ALA A 510 28.14 -29.51 20.23
CA ALA A 510 28.12 -28.14 19.74
C ALA A 510 29.52 -27.57 19.76
N GLU A 511 29.91 -26.88 18.70
CA GLU A 511 31.00 -25.92 18.74
C GLU A 511 30.85 -25.03 19.96
N THR A 512 31.93 -24.91 20.74
CA THR A 512 32.05 -23.83 21.72
C THR A 512 33.23 -22.96 21.39
N SER A 513 33.22 -21.75 21.92
CA SER A 513 34.27 -20.77 21.66
C SER A 513 34.36 -19.84 22.86
N VAL A 514 35.57 -19.44 23.23
CA VAL A 514 35.70 -18.30 24.13
C VAL A 514 36.28 -17.12 23.39
N ASN A 515 35.46 -16.08 23.21
CA ASN A 515 35.83 -14.91 22.42
C ASN A 515 36.22 -13.76 23.34
N LYS A 516 37.42 -13.23 23.11
CA LYS A 516 38.00 -12.15 23.89
C LYS A 516 38.34 -11.00 22.95
N GLU A 517 38.10 -9.77 23.37
CA GLU A 517 38.60 -8.61 22.61
C GLU A 517 39.11 -7.50 23.51
N LEU A 518 40.02 -6.69 22.99
CA LEU A 518 40.45 -5.47 23.65
C LEU A 518 40.88 -4.44 22.62
N GLY A 519 40.33 -3.23 22.71
CA GLY A 519 40.55 -2.22 21.67
C GLY A 519 40.63 -0.81 22.21
N ILE A 520 41.27 0.06 21.44
CA ILE A 520 41.21 1.48 21.74
C ILE A 520 40.67 2.26 20.54
N GLU A 521 40.01 3.37 20.83
CA GLU A 521 39.60 4.28 19.77
C GLU A 521 40.01 5.72 20.09
N PHE A 522 40.44 6.46 19.08
CA PHE A 522 40.68 7.89 19.19
C PHE A 522 39.68 8.63 18.32
N ARG A 523 39.29 9.82 18.75
CA ARG A 523 38.23 10.56 18.07
C ARG A 523 38.36 12.05 18.38
N ARG A 524 38.69 12.84 17.37
CA ARG A 524 38.89 14.27 17.60
C ARG A 524 38.89 15.04 16.29
N ASP A 525 38.10 16.10 16.24
CA ASP A 525 38.06 16.97 15.08
C ASP A 525 37.84 16.23 13.76
N GLY A 526 36.75 15.45 13.68
CA GLY A 526 36.50 14.66 12.48
C GLY A 526 37.55 13.59 12.20
N TRP A 527 38.60 13.51 13.02
CA TRP A 527 39.53 12.38 12.97
C TRP A 527 39.02 11.21 13.77
N VAL A 528 39.24 10.01 13.25
CA VAL A 528 38.87 8.78 13.93
C VAL A 528 39.95 7.72 13.66
N ALA A 529 40.35 7.03 14.71
CA ALA A 529 41.37 5.98 14.62
C ALA A 529 41.13 4.95 15.73
N GLY A 530 40.81 3.72 15.32
CA GLY A 530 40.64 2.62 16.25
C GLY A 530 41.53 1.45 15.90
N LEU A 531 42.12 0.83 16.93
CA LEU A 531 42.64 -0.52 16.81
C LEU A 531 42.06 -1.49 17.87
N THR A 532 41.67 -2.69 17.43
CA THR A 532 41.16 -3.71 18.33
C THR A 532 41.88 -5.06 18.14
N TYR A 533 42.36 -5.62 19.24
CA TYR A 533 42.90 -6.97 19.25
C TYR A 533 41.77 -7.89 19.54
N PHE A 534 41.71 -9.01 18.83
CA PHE A 534 40.80 -10.07 19.20
C PHE A 534 41.51 -11.42 19.21
N ARG A 535 40.97 -12.32 20.05
CA ARG A 535 41.42 -13.69 20.08
C ARG A 535 40.21 -14.56 20.45
N ASN A 536 39.90 -15.54 19.59
CA ASN A 536 38.85 -16.51 19.88
C ASN A 536 39.46 -17.92 19.96
N ASP A 537 39.10 -18.66 21.01
CA ASP A 537 39.61 -20.02 21.22
C ASP A 537 38.45 -20.99 21.17
N TYR A 538 38.36 -21.79 20.09
CA TYR A 538 37.14 -22.57 19.86
C TYR A 538 37.39 -24.07 19.68
N LYS A 539 36.37 -24.86 20.03
CA LYS A 539 36.47 -26.31 20.00
C LYS A 539 35.69 -26.91 18.81
N ASN A 540 34.55 -27.53 19.06
CA ASN A 540 34.12 -28.59 18.17
C ASN A 540 33.41 -28.01 16.96
N LYS A 541 34.13 -27.20 16.21
CA LYS A 541 33.62 -26.75 14.92
C LYS A 541 33.08 -27.96 14.17
N ILE A 542 31.92 -27.81 13.56
CA ILE A 542 31.32 -28.91 12.81
C ILE A 542 31.78 -28.79 11.37
N VAL A 543 32.26 -29.90 10.83
CA VAL A 543 33.01 -29.87 9.59
C VAL A 543 32.93 -31.22 8.90
N ALA A 544 33.11 -31.17 7.59
CA ALA A 544 32.97 -32.36 6.75
C ALA A 544 34.36 -32.78 6.32
N PRO A 545 34.69 -34.07 6.47
CA PRO A 545 36.07 -34.54 6.32
C PRO A 545 36.46 -34.77 4.85
N ASN A 557 32.22 -43.29 -1.35
CA ASN A 557 32.48 -43.07 0.07
C ASN A 557 31.32 -42.39 0.77
N ILE A 558 31.18 -42.68 2.06
CA ILE A 558 30.18 -42.01 2.88
C ILE A 558 30.86 -41.27 4.03
N LEU A 559 30.78 -39.95 3.99
CA LEU A 559 31.43 -39.11 4.98
C LEU A 559 30.44 -38.68 6.03
N GLN A 560 30.93 -38.25 7.18
CA GLN A 560 30.09 -37.94 8.32
C GLN A 560 30.48 -36.61 8.94
N TRP A 561 29.48 -35.86 9.37
CA TRP A 561 29.73 -34.61 10.07
C TRP A 561 30.44 -34.90 11.38
N SER A 562 31.44 -34.07 11.70
CA SER A 562 32.36 -34.39 12.77
C SER A 562 32.71 -33.17 13.58
N ASN A 563 33.35 -33.41 14.73
CA ASN A 563 33.82 -32.34 15.59
C ASN A 563 35.31 -32.09 15.37
N ALA A 564 35.65 -30.85 15.09
CA ALA A 564 37.03 -30.47 14.85
C ALA A 564 37.73 -30.28 16.19
N LYS A 565 39.03 -30.57 16.21
CA LYS A 565 39.87 -30.36 17.40
C LYS A 565 40.19 -28.89 17.61
N LYS A 566 40.76 -28.57 18.76
CA LYS A 566 40.84 -27.18 19.20
C LYS A 566 41.50 -26.29 18.15
N ALA A 567 41.23 -25.00 18.22
CA ALA A 567 41.76 -24.05 17.26
C ALA A 567 41.76 -22.67 17.88
N VAL A 568 42.58 -21.79 17.30
CA VAL A 568 42.63 -20.41 17.72
C VAL A 568 42.49 -19.48 16.54
N VAL A 569 41.82 -18.35 16.74
CA VAL A 569 41.90 -17.24 15.80
C VAL A 569 42.37 -15.99 16.55
N GLU A 570 43.07 -15.13 15.85
CA GLU A 570 43.61 -13.93 16.46
C GLU A 570 43.88 -12.92 15.39
N GLY A 571 43.40 -11.70 15.58
CA GLY A 571 43.69 -10.67 14.61
C GLY A 571 43.83 -9.28 15.20
N LEU A 572 44.04 -8.33 14.29
CA LEU A 572 43.82 -6.92 14.58
C LEU A 572 42.73 -6.39 13.69
N GLU A 573 41.83 -5.59 14.26
CA GLU A 573 40.94 -4.74 13.47
C GLU A 573 41.43 -3.30 13.63
N GLY A 574 41.59 -2.60 12.52
CA GLY A 574 41.90 -1.18 12.56
C GLY A 574 40.89 -0.41 11.72
N ASN A 575 40.62 0.83 12.11
CA ASN A 575 39.79 1.70 11.31
C ASN A 575 40.37 3.10 11.39
N LEU A 576 40.58 3.72 10.24
CA LEU A 576 41.14 5.06 10.17
C LEU A 576 40.24 5.94 9.32
N LEU A 577 39.99 7.16 9.79
CA LEU A 577 39.24 8.14 9.02
C LEU A 577 39.86 9.54 9.17
N VAL A 578 40.15 10.14 8.03
CA VAL A 578 40.91 11.36 7.99
C VAL A 578 40.17 12.37 7.13
N PRO A 579 39.75 13.50 7.71
CA PRO A 579 39.40 14.65 6.88
C PRO A 579 40.63 15.35 6.25
N LEU A 580 40.86 15.13 4.96
CA LEU A 580 41.92 15.85 4.25
C LEU A 580 41.51 17.27 3.93
N HIS A 581 40.21 17.54 3.95
CA HIS A 581 39.70 18.87 3.63
C HIS A 581 38.23 18.87 3.99
N GLU A 582 37.61 20.05 4.00
CA GLU A 582 36.20 20.16 4.31
C GLU A 582 35.34 19.12 3.57
N ASP A 583 35.61 18.94 2.27
CA ASP A 583 34.78 18.06 1.44
C ASP A 583 35.61 16.94 0.82
N LEU A 584 36.66 16.54 1.52
CA LEU A 584 37.47 15.42 1.10
C LEU A 584 37.78 14.61 2.34
N SER A 585 37.68 13.30 2.25
CA SER A 585 38.01 12.46 3.39
C SER A 585 38.54 11.11 2.94
N TRP A 586 39.41 10.52 3.74
CA TRP A 586 40.08 9.29 3.38
C TRP A 586 39.87 8.32 4.52
N SER A 587 39.49 7.11 4.17
CA SER A 587 39.06 6.15 5.17
C SER A 587 39.58 4.78 4.84
N THR A 588 40.06 4.08 5.85
CA THR A 588 40.59 2.76 5.60
C THR A 588 40.29 1.83 6.76
N ASN A 589 40.06 0.56 6.40
CA ASN A 589 39.54 -0.45 7.30
C ASN A 589 40.37 -1.69 7.10
N LEU A 590 40.95 -2.19 8.20
CA LEU A 590 42.01 -3.18 8.12
C LEU A 590 41.56 -4.42 8.85
N THR A 591 41.72 -5.58 8.24
CA THR A 591 41.54 -6.82 9.00
C THR A 591 42.76 -7.71 8.83
N TYR A 592 43.30 -8.17 9.95
CA TYR A 592 44.53 -8.95 9.95
C TYR A 592 44.36 -10.13 10.91
N MET A 593 44.41 -11.35 10.41
CA MET A 593 44.37 -12.51 11.30
C MET A 593 45.40 -13.60 11.06
N LEU A 594 45.71 -14.31 12.15
CA LEU A 594 46.36 -15.61 12.12
C LEU A 594 45.45 -16.72 12.69
N GLN A 595 45.36 -17.86 12.02
CA GLN A 595 44.65 -19.02 12.56
C GLN A 595 45.57 -20.23 12.68
N SER A 596 45.22 -21.18 13.55
CA SER A 596 46.15 -22.22 14.00
C SER A 596 46.10 -23.48 13.14
N PRO A 609 48.78 -16.31 7.60
CA PRO A 609 48.64 -14.99 8.20
C PRO A 609 48.19 -13.94 7.18
N GLU A 610 46.88 -13.77 7.01
CA GLU A 610 46.32 -12.97 5.92
C GLU A 610 45.86 -11.60 6.41
N TYR A 611 45.80 -10.62 5.52
CA TYR A 611 45.10 -9.37 5.84
C TYR A 611 44.30 -8.81 4.67
N THR A 612 43.26 -8.07 4.99
CA THR A 612 42.55 -7.29 4.01
C THR A 612 42.62 -5.82 4.39
N LEU A 613 42.64 -4.96 3.38
CA LEU A 613 42.53 -3.54 3.58
C LEU A 613 41.49 -2.98 2.63
N ASN A 614 40.55 -2.24 3.19
CA ASN A 614 39.50 -1.62 2.38
C ASN A 614 39.55 -0.11 2.59
N SER A 615 39.74 0.64 1.51
CA SER A 615 39.96 2.08 1.64
C SER A 615 39.03 2.87 0.70
N THR A 616 38.70 4.10 1.07
CA THR A 616 37.78 4.93 0.29
C THR A 616 38.14 6.41 0.36
N LEU A 617 38.44 7.01 -0.79
CA LEU A 617 38.71 8.44 -0.88
C LEU A 617 37.45 9.08 -1.41
N ASP A 618 36.91 10.05 -0.67
CA ASP A 618 35.55 10.53 -0.92
C ASP A 618 35.59 12.03 -1.14
N TRP A 619 35.00 12.49 -2.23
CA TRP A 619 35.02 13.90 -2.57
C TRP A 619 33.58 14.41 -2.78
N GLN A 620 33.11 15.23 -1.85
CA GLN A 620 31.91 16.02 -2.01
C GLN A 620 32.18 17.28 -2.80
N ALA A 621 32.35 17.13 -4.12
CA ALA A 621 32.72 18.26 -4.98
C ALA A 621 31.69 19.39 -4.86
N SER A 622 30.41 19.03 -4.89
CA SER A 622 29.31 19.99 -4.70
C SER A 622 28.29 19.44 -3.71
N GLU A 623 27.26 20.24 -3.42
CA GLU A 623 26.09 19.73 -2.71
C GLU A 623 25.59 18.49 -3.42
N ARG A 624 25.53 18.56 -4.74
CA ARG A 624 24.86 17.52 -5.54
C ARG A 624 25.84 16.47 -6.06
N LEU A 625 27.10 16.84 -6.25
CA LEU A 625 28.05 15.95 -6.93
C LEU A 625 29.11 15.34 -5.99
N SER A 626 29.35 14.04 -6.19
CA SER A 626 30.05 13.25 -5.19
C SER A 626 30.90 12.17 -5.86
N THR A 627 32.12 11.98 -5.38
CA THR A 627 33.06 11.10 -6.07
C THR A 627 33.91 10.23 -5.14
N GLN A 628 34.00 8.94 -5.47
CA GLN A 628 34.79 7.98 -4.71
C GLN A 628 35.87 7.38 -5.58
N LEU A 629 37.04 7.24 -4.99
CA LEU A 629 38.00 6.22 -5.37
C LEU A 629 38.01 5.18 -4.26
N THR A 630 37.90 3.91 -4.64
CA THR A 630 38.02 2.85 -3.65
C THR A 630 38.94 1.72 -4.06
N SER A 631 39.61 1.18 -3.04
CA SER A 631 40.55 0.10 -3.20
C SER A 631 40.30 -0.96 -2.15
N THR A 632 40.61 -2.20 -2.52
CA THR A 632 40.66 -3.26 -1.56
C THR A 632 41.95 -4.02 -1.88
N ILE A 633 42.71 -4.27 -0.83
CA ILE A 633 44.00 -4.93 -0.97
C ILE A 633 44.02 -6.16 -0.10
N TYR A 634 44.31 -7.30 -0.72
CA TYR A 634 44.47 -8.55 0.01
C TYR A 634 45.97 -8.90 0.16
N GLY A 635 46.32 -9.54 1.28
CA GLY A 635 47.68 -9.99 1.53
C GLY A 635 47.71 -11.25 2.37
N GLY A 657 52.75 -11.77 -2.42
CA GLY A 657 51.50 -12.53 -2.49
C GLY A 657 50.25 -11.66 -2.50
N THR A 658 50.37 -10.47 -1.91
CA THR A 658 49.26 -9.52 -1.84
C THR A 658 48.94 -8.93 -3.22
N TYR A 659 47.72 -8.44 -3.37
CA TYR A 659 47.26 -7.89 -4.65
C TYR A 659 46.14 -6.88 -4.46
N GLY A 660 45.75 -6.19 -5.52
CA GLY A 660 44.94 -4.99 -5.40
C GLY A 660 43.76 -4.89 -6.37
N ILE A 661 42.75 -4.10 -6.01
CA ILE A 661 41.57 -3.96 -6.86
C ILE A 661 40.89 -2.62 -6.63
N TRP A 662 40.80 -1.82 -7.67
CA TRP A 662 40.41 -0.42 -7.49
C TRP A 662 39.18 -0.08 -8.28
N GLY A 663 38.24 0.63 -7.67
CA GLY A 663 37.07 1.12 -8.39
C GLY A 663 36.99 2.63 -8.36
N VAL A 664 36.30 3.19 -9.32
CA VAL A 664 35.90 4.61 -9.28
C VAL A 664 34.39 4.74 -9.41
N SER A 665 33.84 5.82 -8.85
CA SER A 665 32.41 5.95 -8.63
C SER A 665 31.97 7.41 -8.55
N ALA A 666 30.87 7.73 -9.24
CA ALA A 666 30.36 9.10 -9.28
C ALA A 666 28.87 9.11 -9.06
N GLY A 667 28.38 10.20 -8.48
CA GLY A 667 26.96 10.33 -8.18
C GLY A 667 26.48 11.75 -8.31
N TYR A 668 25.28 11.92 -8.86
CA TYR A 668 24.66 13.22 -8.90
C TYR A 668 23.25 13.18 -8.39
N THR A 669 22.86 14.22 -7.67
CA THR A 669 21.50 14.34 -7.13
C THR A 669 20.80 15.58 -7.68
N PHE A 670 19.76 15.37 -8.47
CA PHE A 670 19.07 16.48 -9.14
C PHE A 670 18.11 17.16 -8.19
N SER A 671 17.63 16.40 -7.20
CA SER A 671 16.43 16.76 -6.45
C SER A 671 16.08 15.62 -5.49
N GLU A 672 15.07 15.84 -4.66
CA GLU A 672 14.57 14.76 -3.83
C GLU A 672 14.14 13.60 -4.74
N ASN A 673 13.61 13.93 -5.91
CA ASN A 673 12.91 12.97 -6.76
C ASN A 673 13.85 12.10 -7.57
N LEU A 674 15.03 12.62 -7.92
CA LEU A 674 15.89 11.97 -8.89
C LEU A 674 17.34 12.07 -8.50
N SER A 675 18.10 11.02 -8.81
CA SER A 675 19.52 11.00 -8.59
C SER A 675 20.11 9.86 -9.40
N VAL A 676 21.39 9.95 -9.70
CA VAL A 676 22.04 9.00 -10.59
C VAL A 676 23.46 8.69 -10.12
N ARG A 677 23.87 7.45 -10.36
CA ARG A 677 25.17 7.00 -9.93
C ARG A 677 25.76 6.00 -10.91
N GLY A 678 27.08 6.11 -11.11
CA GLY A 678 27.78 5.30 -12.09
C GLY A 678 29.25 5.09 -11.71
N GLY A 679 29.85 4.03 -12.21
CA GLY A 679 31.10 3.55 -11.65
C GLY A 679 31.76 2.47 -12.46
N VAL A 680 33.09 2.41 -12.34
CA VAL A 680 33.87 1.27 -12.84
C VAL A 680 34.46 0.49 -11.69
N SER A 681 34.31 -0.83 -11.75
CA SER A 681 34.81 -1.70 -10.71
C SER A 681 35.93 -2.52 -11.30
N ASN A 682 36.97 -2.75 -10.50
CA ASN A 682 38.17 -3.34 -11.01
C ASN A 682 38.65 -2.51 -12.19
N LEU A 683 38.80 -1.22 -11.93
CA LEU A 683 39.46 -0.30 -12.84
C LEU A 683 40.53 -0.96 -13.72
N PHE A 684 41.56 -1.52 -13.08
CA PHE A 684 42.74 -1.98 -13.80
C PHE A 684 42.65 -3.43 -14.28
N ASP A 685 41.42 -4.00 -14.34
CA ASP A 685 41.15 -5.38 -14.79
C ASP A 685 42.17 -6.41 -14.27
N LYS A 686 42.52 -6.33 -12.99
CA LYS A 686 43.39 -7.32 -12.39
C LYS A 686 42.65 -8.64 -12.36
N ARG A 687 43.28 -9.69 -12.89
CA ARG A 687 42.67 -11.02 -12.91
C ARG A 687 43.53 -11.98 -12.09
N LEU A 688 43.37 -13.29 -12.32
CA LEU A 688 44.12 -14.32 -11.62
C LEU A 688 44.58 -13.85 -10.25
N GLU A 704 38.38 -13.92 -9.69
CA GLU A 704 37.39 -12.92 -9.29
C GLU A 704 37.09 -11.90 -10.39
N PRO A 705 35.89 -11.29 -10.33
CA PRO A 705 35.41 -10.53 -11.48
C PRO A 705 36.44 -9.58 -12.10
N GLY A 706 36.40 -9.49 -13.43
CA GLY A 706 37.15 -8.46 -14.17
C GLY A 706 36.57 -7.07 -14.01
N ARG A 707 37.05 -6.14 -14.82
CA ARG A 707 36.49 -4.79 -14.86
C ARG A 707 35.05 -4.82 -15.32
N ALA A 708 34.25 -3.92 -14.77
CA ALA A 708 32.81 -3.87 -15.04
C ALA A 708 32.20 -2.49 -14.79
N TYR A 709 31.36 -2.09 -15.74
CA TYR A 709 30.73 -0.77 -15.73
C TYR A 709 29.34 -0.94 -15.17
N TYR A 710 28.95 -0.03 -14.28
CA TYR A 710 27.60 -0.06 -13.72
C TYR A 710 26.95 1.32 -13.67
N VAL A 711 25.64 1.35 -13.67
CA VAL A 711 24.91 2.61 -13.57
C VAL A 711 23.52 2.42 -12.93
N SER A 712 23.14 3.40 -12.11
CA SER A 712 21.94 3.32 -11.28
C SER A 712 21.19 4.61 -11.37
N MET A 713 19.87 4.50 -11.31
CA MET A 713 18.99 5.66 -11.23
C MET A 713 18.02 5.43 -10.09
N THR A 714 17.80 6.43 -9.27
CA THR A 714 16.78 6.35 -8.25
C THR A 714 15.75 7.49 -8.39
N THR A 715 14.50 7.13 -8.69
CA THR A 715 13.36 8.06 -8.56
C THR A 715 12.67 7.87 -7.23
N SER A 716 11.98 8.90 -6.75
CA SER A 716 11.27 8.84 -5.48
C SER A 716 10.32 10.04 -5.32
N PHE A 717 9.24 9.89 -4.56
CA PHE A 717 8.39 11.04 -4.25
C PHE A 717 8.07 11.24 -2.76
N LEU A 718 9.12 11.36 -1.96
CA LEU A 718 9.03 11.65 -0.51
C LEU A 718 8.08 12.81 -0.14
N LYS B 35 -22.42 -1.77 -23.29
CA LYS B 35 -21.98 -0.46 -22.71
C LYS B 35 -23.15 0.47 -22.41
N GLN B 36 -24.21 0.36 -23.19
CA GLN B 36 -25.46 1.03 -22.82
C GLN B 36 -26.60 0.04 -22.92
N ALA B 37 -27.50 0.04 -21.93
CA ALA B 37 -28.80 -0.64 -22.10
C ALA B 37 -29.98 0.22 -21.57
N PRO B 38 -31.17 -0.36 -21.49
CA PRO B 38 -32.13 0.55 -20.88
C PRO B 38 -31.82 0.80 -19.40
N GLY B 39 -31.74 2.08 -19.06
CA GLY B 39 -31.71 2.48 -17.65
C GLY B 39 -30.36 2.26 -16.99
N VAL B 40 -29.41 1.73 -17.75
CA VAL B 40 -28.14 1.26 -17.21
C VAL B 40 -27.01 1.62 -18.18
N SER B 41 -25.87 2.07 -17.63
CA SER B 41 -24.75 2.50 -18.44
C SER B 41 -23.45 1.99 -17.81
N ILE B 42 -22.43 1.80 -18.65
CA ILE B 42 -21.18 1.29 -18.19
C ILE B 42 -20.09 2.07 -18.87
N ILE B 43 -19.11 2.52 -18.06
CA ILE B 43 -17.93 3.22 -18.51
C ILE B 43 -16.73 2.36 -18.22
N THR B 44 -15.81 2.23 -19.15
CA THR B 44 -14.69 1.32 -18.99
C THR B 44 -13.42 2.06 -18.62
N ALA B 45 -12.41 1.31 -18.19
CA ALA B 45 -11.09 1.88 -18.00
C ALA B 45 -10.69 2.56 -19.30
N GLU B 46 -10.80 1.83 -20.41
CA GLU B 46 -10.43 2.37 -21.73
C GLU B 46 -11.19 3.67 -22.02
N ASP B 47 -12.45 3.75 -21.62
CA ASP B 47 -13.20 4.98 -21.79
C ASP B 47 -12.56 6.14 -21.05
N ILE B 48 -12.14 5.90 -19.81
CA ILE B 48 -11.71 6.95 -18.92
C ILE B 48 -10.33 7.41 -19.37
N ARG B 49 -9.55 6.41 -19.76
CA ARG B 49 -8.22 6.58 -20.32
C ARG B 49 -8.26 7.52 -21.52
N LYS B 50 -9.33 7.46 -22.30
CA LYS B 50 -9.43 8.26 -23.53
C LYS B 50 -10.02 9.65 -23.29
N ARG B 51 -10.49 9.85 -22.06
CA ARG B 51 -11.05 11.13 -21.65
C ARG B 51 -10.73 11.38 -20.19
N PRO B 52 -9.43 11.57 -19.88
CA PRO B 52 -9.04 11.96 -18.52
C PRO B 52 -9.81 13.14 -18.00
N PRO B 53 -10.40 13.01 -16.80
CA PRO B 53 -11.09 14.16 -16.24
C PRO B 53 -10.09 15.19 -15.74
N VAL B 54 -10.56 16.41 -15.50
CA VAL B 54 -9.71 17.43 -14.91
C VAL B 54 -9.72 17.34 -13.39
N ASN B 55 -10.89 17.08 -12.81
CA ASN B 55 -11.02 17.07 -11.35
C ASN B 55 -11.54 15.74 -10.82
N ASP B 56 -12.77 15.37 -11.19
CA ASP B 56 -13.45 14.19 -10.67
C ASP B 56 -14.11 13.40 -11.81
N LEU B 57 -14.88 12.35 -11.44
CA LEU B 57 -15.43 11.42 -12.42
C LEU B 57 -16.80 11.93 -12.88
N SER B 58 -17.30 12.97 -12.22
CA SER B 58 -18.58 13.54 -12.60
C SER B 58 -18.49 14.03 -14.05
N GLU B 59 -17.31 14.49 -14.44
CA GLU B 59 -17.10 15.00 -15.78
C GLU B 59 -17.31 13.97 -16.88
N ILE B 60 -17.10 12.69 -16.57
CA ILE B 60 -17.30 11.64 -17.56
C ILE B 60 -18.60 10.96 -17.33
N ILE B 61 -18.99 10.85 -16.07
CA ILE B 61 -20.29 10.24 -15.73
C ILE B 61 -21.47 11.05 -16.27
N ARG B 62 -21.32 12.36 -16.39
CA ARG B 62 -22.37 13.24 -16.93
C ARG B 62 -22.59 13.10 -18.43
N THR B 63 -21.82 12.25 -19.10
CA THR B 63 -22.05 12.02 -20.53
C THR B 63 -23.03 10.86 -20.74
N MET B 64 -23.29 10.11 -19.68
CA MET B 64 -24.17 8.99 -19.74
C MET B 64 -25.57 9.53 -19.83
N PRO B 65 -26.42 8.83 -20.59
CA PRO B 65 -27.78 9.22 -20.80
C PRO B 65 -28.53 9.33 -19.46
N GLY B 66 -29.18 10.46 -19.23
CA GLY B 66 -30.05 10.64 -18.07
C GLY B 66 -29.31 11.23 -16.90
N VAL B 67 -28.12 11.72 -17.16
CA VAL B 67 -27.23 12.19 -16.11
C VAL B 67 -26.83 13.62 -16.39
N ASN B 68 -27.19 14.54 -15.50
CA ASN B 68 -26.76 15.91 -15.64
C ASN B 68 -26.03 16.27 -14.36
N LEU B 69 -25.23 17.33 -14.43
CA LEU B 69 -24.66 17.95 -13.24
C LEU B 69 -25.54 19.12 -12.80
N THR B 70 -25.87 19.15 -11.51
CA THR B 70 -26.65 20.22 -10.91
C THR B 70 -25.76 21.10 -10.05
N GLN B 83 -22.72 18.48 -9.05
CA GLN B 83 -23.13 17.22 -8.41
C GLN B 83 -24.05 16.38 -9.31
N ILE B 84 -23.91 15.06 -9.24
CA ILE B 84 -24.57 14.17 -10.17
C ILE B 84 -26.08 14.01 -9.92
N ASP B 85 -26.84 14.12 -10.98
CA ASP B 85 -28.28 14.27 -10.89
C ASP B 85 -28.91 13.31 -11.89
N ILE B 86 -29.61 12.29 -11.44
CA ILE B 86 -30.09 11.31 -12.39
C ILE B 86 -31.60 11.44 -12.66
N ARG B 87 -31.96 11.56 -13.94
CA ARG B 87 -33.35 11.59 -14.37
C ARG B 87 -34.13 12.70 -13.66
N GLY B 88 -33.47 13.84 -13.46
CA GLY B 88 -34.11 15.06 -12.98
C GLY B 88 -34.34 15.07 -11.48
N MET B 89 -33.85 14.05 -10.78
CA MET B 89 -34.36 13.76 -9.44
C MET B 89 -33.59 14.52 -8.37
N GLY B 90 -32.52 15.18 -8.79
CA GLY B 90 -31.65 15.86 -7.85
C GLY B 90 -30.51 14.98 -7.40
N PRO B 91 -29.45 15.63 -6.83
CA PRO B 91 -28.24 14.99 -6.33
C PRO B 91 -28.52 14.12 -5.11
N GLU B 92 -29.36 14.61 -4.21
CA GLU B 92 -29.64 13.92 -2.96
C GLU B 92 -30.31 12.57 -3.20
N ASN B 93 -30.57 12.26 -4.47
CA ASN B 93 -31.15 10.99 -4.84
C ASN B 93 -30.28 10.25 -5.83
N THR B 94 -29.01 10.63 -5.91
CA THR B 94 -28.02 9.77 -6.55
C THR B 94 -27.24 9.16 -5.43
N LEU B 95 -27.03 7.85 -5.52
CA LEU B 95 -26.28 7.12 -4.50
C LEU B 95 -24.92 6.68 -5.07
N ILE B 96 -23.86 6.88 -4.30
CA ILE B 96 -22.51 6.62 -4.78
C ILE B 96 -21.76 5.55 -4.01
N LEU B 97 -21.55 4.41 -4.65
CA LEU B 97 -20.88 3.27 -4.03
C LEU B 97 -19.54 3.02 -4.65
N VAL B 98 -18.63 2.47 -3.86
CA VAL B 98 -17.26 2.16 -4.29
C VAL B 98 -16.91 0.72 -3.94
N ASP B 99 -16.89 -0.08 -4.99
CA ASP B 99 -17.01 -1.53 -4.90
C ASP B 99 -18.26 -2.01 -4.16
N GLY B 100 -19.39 -1.38 -4.48
CA GLY B 100 -20.70 -1.78 -3.93
C GLY B 100 -20.94 -1.27 -2.53
N LYS B 101 -19.94 -0.67 -1.92
CA LYS B 101 -20.08 -0.10 -0.57
C LYS B 101 -20.34 1.39 -0.65
N PRO B 102 -21.34 1.88 0.10
CA PRO B 102 -21.70 3.28 0.09
C PRO B 102 -20.60 4.13 0.68
N VAL B 103 -20.61 5.42 0.37
CA VAL B 103 -19.52 6.32 0.75
C VAL B 103 -20.08 7.60 1.38
N SER B 104 -21.07 8.16 0.68
CA SER B 104 -21.59 9.49 0.98
C SER B 104 -22.39 9.42 2.27
N SER B 105 -21.86 10.06 3.31
CA SER B 105 -22.61 10.15 4.56
C SER B 105 -23.92 10.92 4.41
N ARG B 106 -23.91 11.97 3.59
CA ARG B 106 -25.11 12.78 3.31
C ARG B 106 -25.42 13.84 4.37
N ASN B 107 -24.84 13.70 5.56
CA ASN B 107 -24.75 14.80 6.51
C ASN B 107 -23.33 15.39 6.57
N SER B 108 -22.57 15.24 5.49
CA SER B 108 -21.29 15.94 5.34
C SER B 108 -21.50 17.34 4.77
N VAL B 109 -21.17 18.36 5.54
CA VAL B 109 -21.36 19.75 5.10
C VAL B 109 -20.02 20.49 5.05
N ARG B 110 -19.53 20.73 3.83
CA ARG B 110 -18.18 21.26 3.62
C ARG B 110 -18.06 22.72 4.05
N ASN B 124 -15.45 12.07 -7.45
CA ASN B 124 -14.48 12.79 -6.63
C ASN B 124 -13.89 11.96 -5.47
N TRP B 125 -13.73 10.65 -5.71
CA TRP B 125 -13.53 9.68 -4.64
C TRP B 125 -12.40 8.73 -4.98
N VAL B 126 -12.29 8.40 -6.26
CA VAL B 126 -11.31 7.44 -6.72
C VAL B 126 -10.53 8.08 -7.87
N PRO B 127 -9.20 8.09 -7.78
CA PRO B 127 -8.41 8.44 -8.94
C PRO B 127 -8.98 7.83 -10.21
N PRO B 128 -9.25 8.67 -11.21
CA PRO B 128 -9.77 8.12 -12.45
C PRO B 128 -8.98 6.92 -12.94
N GLU B 129 -7.67 7.10 -13.01
CA GLU B 129 -6.82 6.13 -13.71
C GLU B 129 -6.73 4.83 -12.91
N GLU B 130 -7.34 4.82 -11.72
CA GLU B 130 -7.40 3.63 -10.90
C GLU B 130 -8.73 2.88 -11.06
N VAL B 131 -9.69 3.49 -11.75
CA VAL B 131 -11.07 2.97 -11.82
C VAL B 131 -11.24 1.95 -12.94
N GLU B 132 -11.86 0.81 -12.62
CA GLU B 132 -11.82 -0.33 -13.54
C GLU B 132 -13.06 -0.25 -14.42
N ARG B 133 -14.16 0.14 -13.80
CA ARG B 133 -15.37 0.38 -14.51
C ARG B 133 -16.25 1.18 -13.56
N ILE B 134 -17.08 2.04 -14.14
CA ILE B 134 -18.10 2.80 -13.41
C ILE B 134 -19.39 2.28 -13.94
N GLU B 135 -20.30 1.88 -13.05
CA GLU B 135 -21.59 1.31 -13.43
C GLU B 135 -22.67 2.31 -13.02
N VAL B 136 -23.52 2.73 -13.96
CA VAL B 136 -24.61 3.64 -13.62
C VAL B 136 -25.96 2.99 -13.84
N LEU B 137 -26.74 2.98 -12.77
CA LEU B 137 -28.04 2.38 -12.73
C LEU B 137 -29.05 3.50 -12.55
N ARG B 138 -30.09 3.52 -13.36
CA ARG B 138 -31.10 4.58 -13.28
C ARG B 138 -32.56 4.12 -13.13
N GLY B 139 -33.24 4.65 -12.12
CA GLY B 139 -34.68 4.52 -12.01
C GLY B 139 -35.10 3.24 -11.33
N PRO B 140 -36.03 2.49 -11.94
CA PRO B 140 -36.64 1.41 -11.15
C PRO B 140 -35.57 0.42 -10.63
N ALA B 141 -34.69 -0.06 -11.49
CA ALA B 141 -33.90 -1.21 -11.09
C ALA B 141 -32.81 -0.71 -10.07
N ALA B 142 -33.04 0.50 -9.57
CA ALA B 142 -32.22 1.01 -8.49
C ALA B 142 -32.92 1.10 -7.14
N ALA B 143 -34.25 0.88 -7.11
CA ALA B 143 -35.07 0.98 -5.92
C ALA B 143 -34.64 0.13 -4.72
N ARG B 144 -33.96 -0.96 -5.10
CA ARG B 144 -33.25 -1.89 -4.18
C ARG B 144 -32.13 -1.31 -3.23
N TYR B 145 -31.54 -0.16 -3.56
CA TYR B 145 -30.39 0.35 -2.77
C TYR B 145 -30.80 1.36 -1.69
N GLY B 146 -32.12 1.60 -1.63
CA GLY B 146 -32.77 2.27 -0.50
C GLY B 146 -32.85 3.77 -0.67
N SER B 147 -32.82 4.48 0.46
CA SER B 147 -32.72 5.92 0.49
C SER B 147 -31.45 6.44 -0.22
N GLY B 148 -31.59 7.62 -0.83
CA GLY B 148 -30.57 8.18 -1.69
C GLY B 148 -30.55 7.63 -3.11
N ALA B 149 -31.38 6.66 -3.42
CA ALA B 149 -31.28 5.98 -4.72
C ALA B 149 -32.52 6.13 -5.62
N ALA B 150 -33.31 7.17 -5.41
CA ALA B 150 -34.52 7.38 -6.21
C ALA B 150 -34.21 7.75 -7.66
N GLY B 151 -33.11 8.47 -7.85
CA GLY B 151 -32.60 8.84 -9.18
C GLY B 151 -31.62 7.80 -9.70
N GLY B 152 -30.99 7.12 -8.76
CA GLY B 152 -30.27 5.91 -9.11
C GLY B 152 -28.93 5.85 -8.43
N VAL B 153 -28.12 4.91 -8.91
CA VAL B 153 -26.89 4.51 -8.25
C VAL B 153 -25.80 4.73 -9.25
N VAL B 154 -24.74 5.43 -8.80
CA VAL B 154 -23.45 5.34 -9.45
C VAL B 154 -22.63 4.40 -8.59
N ASN B 155 -22.11 3.36 -9.22
CA ASN B 155 -21.20 2.40 -8.58
C ASN B 155 -19.76 2.33 -9.19
N ILE B 156 -18.76 2.79 -8.44
CA ILE B 156 -17.39 2.91 -8.99
C ILE B 156 -16.41 1.79 -8.59
N ILE B 157 -15.91 1.08 -9.59
CA ILE B 157 -15.30 -0.22 -9.37
C ILE B 157 -13.78 -0.18 -9.54
N THR B 158 -13.09 -0.73 -8.56
CA THR B 158 -11.69 -0.49 -8.42
C THR B 158 -10.91 -1.67 -8.98
N LYS B 159 -9.60 -1.48 -9.07
CA LYS B 159 -8.71 -2.53 -9.57
C LYS B 159 -8.23 -3.33 -8.37
N ARG B 160 -8.06 -4.62 -8.60
CA ARG B 160 -8.02 -5.58 -7.50
C ARG B 160 -6.65 -6.23 -7.39
N PRO B 161 -6.20 -6.51 -6.16
CA PRO B 161 -4.99 -7.28 -6.06
C PRO B 161 -4.93 -8.41 -7.05
N THR B 162 -3.72 -8.69 -7.51
CA THR B 162 -3.53 -9.69 -8.55
C THR B 162 -2.33 -10.55 -8.16
N ASP B 163 -2.16 -11.67 -8.86
CA ASP B 163 -1.17 -12.69 -8.53
C ASP B 163 0.22 -12.27 -9.03
N ARG B 164 0.27 -11.23 -9.84
CA ARG B 164 1.53 -10.66 -10.31
C ARG B 164 1.63 -9.21 -9.87
N LEU B 165 2.84 -8.67 -9.74
CA LEU B 165 3.05 -7.35 -9.13
C LEU B 165 2.85 -6.26 -10.17
N ARG B 166 2.28 -5.13 -9.76
CA ARG B 166 1.67 -4.21 -10.71
C ARG B 166 1.65 -2.80 -10.14
N GLY B 167 2.24 -1.87 -10.87
CA GLY B 167 2.26 -0.51 -10.43
C GLY B 167 1.81 0.40 -11.53
N SER B 168 1.30 1.56 -11.16
CA SER B 168 1.17 2.65 -12.10
C SER B 168 1.24 4.00 -11.42
N MET B 169 1.79 4.98 -12.14
CA MET B 169 1.61 6.39 -11.81
C MET B 169 0.84 7.09 -12.92
N THR B 170 0.30 8.25 -12.60
CA THR B 170 -0.25 9.15 -13.60
C THR B 170 0.07 10.58 -13.17
N VAL B 171 0.57 11.40 -14.10
CA VAL B 171 0.49 12.84 -13.90
C VAL B 171 -0.35 13.53 -14.95
N PHE B 172 -1.22 14.42 -14.48
CA PHE B 172 -2.16 15.11 -15.35
C PHE B 172 -2.20 16.58 -14.98
N THR B 173 -2.30 17.42 -16.00
CA THR B 173 -2.28 18.85 -15.78
C THR B 173 -3.14 19.50 -16.84
N ASN B 174 -4.08 20.32 -16.39
CA ASN B 174 -4.95 21.05 -17.29
C ASN B 174 -4.70 22.53 -17.13
N ILE B 175 -4.28 23.20 -18.20
CA ILE B 175 -4.00 24.65 -18.16
C ILE B 175 -4.99 25.45 -19.02
N PRO B 176 -5.93 26.17 -18.37
CA PRO B 176 -6.73 27.19 -19.03
C PRO B 176 -5.89 28.18 -19.81
N GLU B 177 -6.36 28.51 -21.00
CA GLU B 177 -5.74 29.54 -21.82
C GLU B 177 -5.85 30.93 -21.19
N SER B 178 -6.93 31.17 -20.46
CA SER B 178 -7.16 32.45 -19.79
C SER B 178 -6.65 32.33 -18.36
N SER B 179 -5.94 33.33 -17.88
CA SER B 179 -5.31 33.21 -16.58
C SER B 179 -6.37 33.21 -15.47
N LYS B 180 -7.41 34.00 -15.64
CA LYS B 180 -8.48 34.08 -14.64
C LYS B 180 -9.02 32.70 -14.22
N ASP B 181 -9.23 31.81 -15.19
CA ASP B 181 -9.32 30.39 -14.87
C ASP B 181 -7.97 29.90 -14.31
N GLY B 182 -8.05 28.94 -13.38
CA GLY B 182 -6.85 28.50 -12.65
C GLY B 182 -6.50 27.07 -13.06
N ALA B 183 -5.21 26.75 -13.04
CA ALA B 183 -4.76 25.48 -13.57
C ALA B 183 -5.13 24.35 -12.62
N THR B 184 -4.92 23.13 -13.09
CA THR B 184 -4.92 21.96 -12.22
C THR B 184 -3.73 21.05 -12.50
N ARG B 185 -3.10 20.57 -11.43
CA ARG B 185 -2.28 19.37 -11.51
C ARG B 185 -2.83 18.27 -10.62
N ARG B 186 -3.07 17.07 -11.17
CA ARG B 186 -3.24 15.89 -10.32
C ARG B 186 -2.28 14.75 -10.67
N ALA B 187 -2.23 13.76 -9.79
CA ALA B 187 -1.08 12.88 -9.67
C ALA B 187 -1.55 11.70 -8.86
N ASN B 188 -1.36 10.49 -9.38
CA ASN B 188 -1.80 9.30 -8.65
C ASN B 188 -1.06 8.02 -9.04
N PHE B 189 -1.18 7.01 -8.19
CA PHE B 189 -0.41 5.79 -8.30
C PHE B 189 -1.32 4.64 -7.90
N SER B 190 -1.08 3.47 -8.46
CA SER B 190 -1.70 2.27 -7.94
C SER B 190 -0.74 1.10 -7.92
N LEU B 191 -0.55 0.51 -6.75
CA LEU B 191 0.36 -0.63 -6.59
C LEU B 191 -0.46 -1.82 -6.11
N SER B 192 -0.22 -3.00 -6.68
CA SER B 192 -0.96 -4.18 -6.29
C SER B 192 -0.19 -5.45 -6.63
N GLY B 193 -0.34 -6.47 -5.81
CA GLY B 193 0.43 -7.69 -6.01
C GLY B 193 0.25 -8.67 -4.87
N PRO B 194 1.00 -9.78 -4.92
CA PRO B 194 0.93 -10.79 -3.89
C PRO B 194 2.01 -10.62 -2.83
N LEU B 195 1.68 -10.99 -1.59
CA LEU B 195 2.63 -11.18 -0.53
C LEU B 195 2.90 -12.65 -0.33
N THR B 196 1.86 -13.44 -0.49
CA THR B 196 1.83 -14.80 0.00
C THR B 196 0.85 -15.56 -0.88
N GLU B 197 0.91 -16.90 -0.83
CA GLU B 197 -0.05 -17.75 -1.52
C GLU B 197 -1.46 -17.38 -1.14
N ALA B 198 -1.63 -16.88 0.09
CA ALA B 198 -2.92 -16.55 0.63
C ALA B 198 -3.21 -15.04 0.59
N LEU B 199 -2.18 -14.22 0.75
CA LEU B 199 -2.37 -12.77 0.87
C LEU B 199 -1.94 -11.98 -0.36
N SER B 200 -2.70 -10.93 -0.63
CA SER B 200 -2.48 -10.01 -1.73
C SER B 200 -2.82 -8.66 -1.16
N PHE B 201 -2.35 -7.60 -1.81
CA PHE B 201 -2.65 -6.25 -1.38
C PHE B 201 -2.90 -5.37 -2.60
N ARG B 202 -3.47 -4.18 -2.36
CA ARG B 202 -3.53 -3.14 -3.38
C ARG B 202 -3.68 -1.76 -2.76
N ALA B 203 -2.74 -0.87 -3.05
CA ALA B 203 -2.79 0.51 -2.58
C ALA B 203 -2.86 1.50 -3.74
N TYR B 204 -3.63 2.56 -3.55
CA TYR B 204 -3.77 3.63 -4.53
C TYR B 204 -4.07 4.93 -3.82
N GLY B 205 -3.96 6.06 -4.56
CA GLY B 205 -3.89 7.32 -3.87
C GLY B 205 -3.81 8.40 -4.93
N SER B 206 -3.97 9.64 -4.45
CA SER B 206 -3.88 10.78 -5.35
C SER B 206 -3.68 12.11 -4.64
N ALA B 207 -3.13 13.06 -5.38
CA ALA B 207 -2.81 14.37 -4.84
C ALA B 207 -3.12 15.38 -5.93
N ASN B 208 -3.85 16.42 -5.56
CA ASN B 208 -4.61 17.20 -6.52
C ASN B 208 -4.62 18.63 -6.06
N LYS B 209 -4.29 19.52 -6.99
CA LYS B 209 -4.22 20.91 -6.64
C LYS B 209 -5.03 21.60 -7.71
N THR B 210 -5.79 22.61 -7.32
CA THR B 210 -6.44 23.46 -8.29
C THR B 210 -6.36 24.91 -7.85
N ASP B 211 -5.52 25.66 -8.56
CA ASP B 211 -5.23 27.05 -8.22
C ASP B 211 -6.53 27.85 -8.12
N SER B 212 -6.52 28.82 -7.22
CA SER B 212 -7.69 29.66 -7.01
C SER B 212 -7.84 30.51 -8.26
N ASP B 213 -8.98 30.38 -8.95
CA ASP B 213 -9.21 31.17 -10.15
C ASP B 213 -8.86 32.63 -9.81
N ASP B 214 -7.89 33.18 -10.54
CA ASP B 214 -7.39 34.51 -10.27
C ASP B 214 -6.15 34.40 -9.36
N GLY B 234 -5.44 27.87 -3.37
CA GLY B 234 -6.33 27.11 -4.28
C GLY B 234 -7.20 26.09 -3.55
N VAL B 235 -7.28 24.89 -4.10
CA VAL B 235 -7.91 23.77 -3.40
C VAL B 235 -7.08 22.49 -3.55
N ARG B 236 -6.86 21.79 -2.44
CA ARG B 236 -6.01 20.60 -2.45
C ARG B 236 -6.80 19.35 -2.05
N ASN B 237 -6.46 18.20 -2.63
CA ASN B 237 -6.94 16.90 -2.17
C ASN B 237 -5.81 15.89 -2.08
N ARG B 238 -5.81 15.14 -0.99
CA ARG B 238 -5.00 13.95 -0.90
C ARG B 238 -5.92 12.82 -0.48
N ASP B 239 -5.77 11.66 -1.10
CA ASP B 239 -6.38 10.47 -0.59
C ASP B 239 -5.43 9.27 -0.71
N LEU B 240 -5.56 8.33 0.21
CA LEU B 240 -5.02 7.00 0.07
C LEU B 240 -6.03 5.93 0.56
N SER B 241 -5.99 4.76 -0.08
CA SER B 241 -6.81 3.66 0.36
C SER B 241 -6.03 2.39 0.19
N GLY B 242 -5.96 1.57 1.23
CA GLY B 242 -5.31 0.28 1.15
C GLY B 242 -6.24 -0.91 1.22
N MET B 243 -5.88 -2.01 0.57
CA MET B 243 -6.63 -3.25 0.73
C MET B 243 -5.70 -4.43 0.97
N LEU B 244 -6.09 -5.27 1.93
CA LEU B 244 -5.47 -6.56 2.17
C LEU B 244 -6.49 -7.62 1.80
N SER B 245 -6.10 -8.57 0.96
CA SER B 245 -7.07 -9.59 0.52
C SER B 245 -6.60 -10.99 0.87
N TRP B 246 -7.43 -11.72 1.60
CA TRP B 246 -6.99 -12.99 2.18
C TRP B 246 -7.83 -14.17 1.67
N GLN B 247 -7.16 -15.08 0.96
CA GLN B 247 -7.84 -16.28 0.48
C GLN B 247 -7.78 -17.33 1.56
N VAL B 248 -8.90 -17.45 2.28
CA VAL B 248 -9.01 -18.33 3.44
C VAL B 248 -9.14 -19.77 2.96
N THR B 249 -9.98 -19.97 1.95
CA THR B 249 -10.24 -21.27 1.31
C THR B 249 -10.30 -21.02 -0.20
N PRO B 250 -10.34 -22.08 -1.02
CA PRO B 250 -10.48 -21.75 -2.43
C PRO B 250 -11.84 -21.13 -2.75
N ASP B 251 -12.77 -21.18 -1.81
CA ASP B 251 -14.09 -20.63 -2.03
C ASP B 251 -14.43 -19.43 -1.15
N GLN B 252 -13.44 -18.89 -0.44
CA GLN B 252 -13.68 -17.77 0.47
C GLN B 252 -12.62 -16.70 0.37
N VAL B 253 -13.05 -15.44 0.40
CA VAL B 253 -12.11 -14.33 0.37
C VAL B 253 -12.57 -13.27 1.34
N VAL B 254 -11.64 -12.79 2.18
CA VAL B 254 -11.92 -11.67 3.07
C VAL B 254 -11.16 -10.50 2.58
N ASP B 255 -11.75 -9.30 2.57
CA ASP B 255 -11.02 -8.10 2.34
C ASP B 255 -11.01 -7.18 3.54
N PHE B 256 -9.80 -6.86 4.01
CA PHE B 256 -9.58 -5.78 4.96
C PHE B 256 -9.22 -4.51 4.19
N GLU B 257 -9.95 -3.43 4.42
CA GLU B 257 -9.68 -2.15 3.75
C GLU B 257 -9.49 -1.01 4.74
N ALA B 258 -8.81 0.04 4.31
CA ALA B 258 -8.75 1.24 5.11
C ALA B 258 -8.10 2.37 4.34
N GLY B 259 -8.40 3.60 4.73
CA GLY B 259 -7.81 4.72 4.00
C GLY B 259 -8.43 6.01 4.43
N PHE B 260 -7.96 7.10 3.83
CA PHE B 260 -8.41 8.40 4.24
C PHE B 260 -8.47 9.30 3.03
N SER B 261 -9.27 10.35 3.14
CA SER B 261 -9.19 11.47 2.22
C SER B 261 -9.21 12.75 3.02
N ARG B 262 -8.43 13.70 2.52
CA ARG B 262 -8.23 14.95 3.20
C ARG B 262 -8.50 16.00 2.12
N GLN B 263 -9.01 17.16 2.53
CA GLN B 263 -9.21 18.24 1.60
C GLN B 263 -9.02 19.61 2.25
N GLY B 264 -8.27 20.47 1.56
CA GLY B 264 -7.91 21.78 2.10
C GLY B 264 -8.15 22.87 1.09
N ASN B 265 -7.73 24.08 1.44
CA ASN B 265 -7.66 25.21 0.49
C ASN B 265 -6.88 26.38 1.11
N ILE B 266 -5.85 26.88 0.43
CA ILE B 266 -4.78 27.66 1.10
C ILE B 266 -5.30 28.78 2.01
N ALA B 288 -7.64 34.33 5.06
CA ALA B 288 -7.38 33.69 6.34
C ALA B 288 -8.56 32.81 6.75
N GLU B 289 -9.10 32.06 5.80
CA GLU B 289 -10.40 31.41 5.97
C GLU B 289 -10.52 30.03 5.30
N THR B 290 -10.27 28.99 6.09
CA THR B 290 -9.93 27.67 5.56
C THR B 290 -11.03 26.69 5.90
N ASN B 291 -11.71 26.16 4.88
CA ASN B 291 -12.43 24.89 5.05
C ASN B 291 -11.40 23.74 5.08
N ARG B 292 -11.47 22.87 6.09
CA ARG B 292 -10.79 21.59 6.06
C ARG B 292 -11.79 20.43 6.17
N MET B 293 -11.42 19.28 5.63
CA MET B 293 -12.20 18.06 5.82
C MET B 293 -11.29 16.84 5.89
N TYR B 294 -11.43 16.04 6.94
CA TYR B 294 -10.68 14.81 7.05
C TYR B 294 -11.61 13.63 7.28
N ARG B 295 -11.45 12.62 6.43
CA ARG B 295 -12.34 11.48 6.42
C ARG B 295 -11.47 10.25 6.46
N GLU B 296 -11.87 9.27 7.25
CA GLU B 296 -11.20 8.00 7.18
C GLU B 296 -12.17 6.84 7.28
N ASN B 297 -11.72 5.67 6.84
CA ASN B 297 -12.63 4.60 6.46
C ASN B 297 -12.06 3.21 6.69
N TYR B 298 -12.87 2.36 7.28
CA TYR B 298 -12.52 0.97 7.55
C TYR B 298 -13.62 0.05 7.01
N ALA B 299 -13.23 -1.09 6.45
CA ALA B 299 -14.19 -2.08 6.02
C ALA B 299 -13.60 -3.48 6.04
N ILE B 300 -14.45 -4.45 6.33
CA ILE B 300 -14.10 -5.84 6.15
C ILE B 300 -15.15 -6.49 5.26
N THR B 301 -14.71 -7.39 4.39
CA THR B 301 -15.63 -8.00 3.43
C THR B 301 -15.44 -9.51 3.34
N HIS B 302 -16.51 -10.28 3.51
CA HIS B 302 -16.41 -11.72 3.26
C HIS B 302 -17.25 -12.10 2.05
N ASN B 303 -16.65 -12.82 1.12
CA ASN B 303 -17.30 -13.31 -0.08
C ASN B 303 -17.12 -14.81 -0.17
N GLY B 304 -18.21 -15.56 -0.02
CA GLY B 304 -18.17 -17.00 -0.18
C GLY B 304 -18.97 -17.46 -1.39
N THR B 305 -18.39 -18.35 -2.18
CA THR B 305 -19.12 -19.12 -3.17
C THR B 305 -19.37 -20.51 -2.62
N TRP B 306 -20.63 -20.89 -2.56
CA TRP B 306 -21.05 -22.11 -1.89
C TRP B 306 -21.82 -22.96 -2.90
N SER B 307 -22.16 -24.19 -2.55
CA SER B 307 -22.89 -25.08 -3.47
C SER B 307 -24.27 -24.54 -3.85
N PHE B 308 -24.93 -23.91 -2.89
CA PHE B 308 -26.21 -23.31 -3.12
C PHE B 308 -26.19 -21.86 -3.62
N GLY B 309 -25.02 -21.34 -3.96
CA GLY B 309 -24.92 -19.94 -4.37
C GLY B 309 -23.77 -19.18 -3.72
N THR B 310 -23.99 -17.89 -3.44
CA THR B 310 -22.92 -17.02 -2.98
C THR B 310 -23.39 -16.10 -1.87
N SER B 311 -22.44 -15.51 -1.16
CA SER B 311 -22.75 -14.65 -0.02
C SER B 311 -21.73 -13.51 0.03
N ARG B 312 -22.14 -12.39 0.63
CA ARG B 312 -21.25 -11.25 0.77
C ARG B 312 -21.63 -10.49 2.02
N PHE B 313 -20.83 -10.59 3.06
CA PHE B 313 -21.06 -9.79 4.25
C PHE B 313 -20.07 -8.63 4.33
N VAL B 314 -20.58 -7.47 4.73
CA VAL B 314 -19.79 -6.24 4.84
C VAL B 314 -19.91 -5.54 6.19
N ALA B 315 -18.78 -5.35 6.87
CA ALA B 315 -18.71 -4.41 7.98
C ALA B 315 -17.97 -3.16 7.55
N GLN B 316 -18.33 -2.03 8.14
CA GLN B 316 -17.86 -0.75 7.61
C GLN B 316 -17.90 0.32 8.67
N TYR B 317 -16.88 1.17 8.71
CA TYR B 317 -16.92 2.35 9.56
C TYR B 317 -16.39 3.57 8.81
N ASP B 318 -17.09 4.70 8.93
CA ASP B 318 -16.63 5.96 8.31
C ASP B 318 -16.64 7.03 9.38
N SER B 319 -15.53 7.78 9.49
CA SER B 319 -15.55 9.06 10.20
C SER B 319 -15.33 10.18 9.22
N THR B 320 -15.82 11.38 9.56
CA THR B 320 -15.59 12.58 8.77
C THR B 320 -15.58 13.77 9.69
N ARG B 321 -14.48 14.53 9.68
CA ARG B 321 -14.42 15.78 10.41
C ARG B 321 -14.40 16.93 9.42
N ASN B 322 -15.10 18.00 9.76
CA ASN B 322 -15.07 19.24 8.97
C ASN B 322 -14.68 20.45 9.82
N ASN B 323 -13.63 21.17 9.40
CA ASN B 323 -13.26 22.45 10.05
C ASN B 323 -13.55 23.67 9.19
N ARG B 324 -13.52 24.86 9.79
CA ARG B 324 -13.57 26.10 9.00
C ARG B 324 -13.01 27.23 9.85
N LEU B 325 -12.43 28.23 9.20
CA LEU B 325 -12.05 29.46 9.89
C LEU B 325 -12.23 30.69 9.00
N PHE B 343 -13.57 29.14 14.60
CA PHE B 343 -13.40 27.77 14.11
C PHE B 343 -14.64 26.95 14.42
N SER B 344 -15.36 26.52 13.37
CA SER B 344 -16.41 25.53 13.54
C SER B 344 -15.79 24.15 13.31
N ALA B 345 -16.21 23.16 14.10
CA ALA B 345 -15.92 21.76 13.78
C ALA B 345 -17.15 20.86 13.93
N SER B 346 -17.16 19.76 13.20
CA SER B 346 -18.26 18.80 13.24
C SER B 346 -17.79 17.41 12.83
N LYS B 347 -18.25 16.39 13.54
CA LYS B 347 -17.85 15.02 13.26
C LYS B 347 -19.05 14.14 12.95
N LEU B 348 -18.86 13.24 12.01
CA LEU B 348 -19.94 12.44 11.45
C LEU B 348 -19.43 11.01 11.28
N GLU B 349 -20.20 10.04 11.73
CA GLU B 349 -19.74 8.65 11.71
C GLU B 349 -20.84 7.67 11.31
N ASN B 350 -20.49 6.75 10.41
CA ASN B 350 -21.39 5.71 9.97
C ASN B 350 -20.88 4.33 10.32
N TYR B 351 -21.70 3.54 10.98
CA TYR B 351 -21.43 2.13 11.13
C TYR B 351 -22.38 1.40 10.24
N ARG B 352 -21.94 0.27 9.70
CA ARG B 352 -22.71 -0.36 8.68
C ARG B 352 -22.48 -1.87 8.60
N LEU B 353 -23.56 -2.61 8.42
CA LEU B 353 -23.50 -4.05 8.20
C LEU B 353 -24.41 -4.45 7.06
N SER B 354 -24.09 -5.56 6.42
CA SER B 354 -24.77 -5.94 5.20
C SER B 354 -24.54 -7.41 4.86
N GLY B 355 -25.63 -8.06 4.48
CA GLY B 355 -25.61 -9.49 4.20
C GLY B 355 -26.37 -9.69 2.92
N GLU B 356 -25.78 -10.42 1.99
CA GLU B 356 -26.49 -10.73 0.78
C GLU B 356 -26.20 -12.16 0.38
N LEU B 357 -27.27 -12.87 0.06
CA LEU B 357 -27.23 -14.19 -0.55
C LEU B 357 -27.69 -14.08 -1.98
N ASN B 358 -27.05 -14.84 -2.86
CA ASN B 358 -27.64 -15.13 -4.16
C ASN B 358 -27.79 -16.62 -4.37
N LEU B 359 -29.02 -17.10 -4.51
CA LEU B 359 -29.25 -18.52 -4.64
C LEU B 359 -29.96 -18.79 -5.96
N PRO B 360 -29.20 -19.25 -6.96
CA PRO B 360 -29.86 -19.74 -8.16
C PRO B 360 -30.73 -20.99 -7.92
N LEU B 361 -31.96 -20.96 -8.41
CA LEU B 361 -32.91 -22.08 -8.29
C LEU B 361 -33.33 -22.57 -9.66
N HIS B 362 -33.49 -23.88 -9.79
CA HIS B 362 -33.85 -24.48 -11.06
C HIS B 362 -35.24 -25.10 -11.04
N ALA B 363 -35.98 -24.95 -9.94
CA ALA B 363 -37.29 -25.61 -9.78
C ALA B 363 -38.40 -24.87 -10.52
N LEU B 364 -39.00 -25.54 -11.48
CA LEU B 364 -40.11 -24.93 -12.21
C LEU B 364 -39.53 -24.01 -13.30
N PHE B 365 -39.10 -22.82 -12.91
CA PHE B 365 -38.39 -21.97 -13.84
C PHE B 365 -36.97 -21.76 -13.35
N GLU B 366 -36.04 -21.53 -14.27
CA GLU B 366 -34.73 -21.03 -13.87
C GLU B 366 -34.84 -19.62 -13.32
N GLN B 367 -34.15 -19.39 -12.21
CA GLN B 367 -34.17 -18.08 -11.56
C GLN B 367 -33.03 -17.88 -10.58
N VAL B 368 -32.82 -16.65 -10.14
CA VAL B 368 -31.80 -16.40 -9.11
C VAL B 368 -32.38 -15.56 -7.98
N LEU B 369 -32.69 -16.20 -6.87
CA LEU B 369 -33.24 -15.49 -5.72
C LEU B 369 -32.13 -14.74 -5.01
N THR B 370 -32.34 -13.45 -4.78
CA THR B 370 -31.41 -12.66 -3.97
C THR B 370 -32.08 -12.17 -2.71
N VAL B 371 -31.39 -12.35 -1.58
CA VAL B 371 -31.97 -11.95 -0.31
C VAL B 371 -30.92 -11.20 0.44
N GLY B 372 -31.31 -10.10 1.09
CA GLY B 372 -30.31 -9.19 1.68
C GLY B 372 -30.84 -8.37 2.85
N ALA B 373 -29.95 -8.01 3.76
CA ALA B 373 -30.28 -7.22 4.95
C ALA B 373 -29.18 -6.18 5.24
N GLU B 374 -29.58 -5.02 5.76
CA GLU B 374 -28.66 -3.92 6.03
C GLU B 374 -28.91 -3.37 7.42
N TRP B 375 -27.86 -3.08 8.16
CA TRP B 375 -28.01 -2.34 9.41
C TRP B 375 -27.01 -1.20 9.44
N ASN B 376 -27.42 -0.06 9.99
CA ASN B 376 -26.82 1.21 9.61
C ASN B 376 -27.04 2.27 10.68
N LYS B 377 -25.99 2.76 11.30
CA LYS B 377 -26.16 3.85 12.25
C LYS B 377 -25.34 5.04 11.79
N GLU B 378 -25.86 6.25 11.95
CA GLU B 378 -25.11 7.44 11.65
C GLU B 378 -25.20 8.34 12.85
N THR B 379 -24.04 8.87 13.27
CA THR B 379 -23.99 9.81 14.38
C THR B 379 -23.46 11.12 13.87
N LEU B 380 -23.94 12.22 14.45
CA LEU B 380 -23.49 13.53 14.06
C LEU B 380 -23.26 14.36 15.29
N ASN B 381 -22.07 14.95 15.39
CA ASN B 381 -21.77 15.87 16.45
C ASN B 381 -21.30 17.19 15.85
N ASP B 382 -21.99 18.26 16.19
CA ASP B 382 -21.74 19.57 15.59
C ASP B 382 -22.29 20.65 16.49
N PRO B 383 -21.42 21.50 17.03
CA PRO B 383 -21.91 22.68 17.72
C PRO B 383 -22.21 23.85 16.78
N SER B 384 -23.11 23.61 15.83
CA SER B 384 -23.77 24.68 15.07
C SER B 384 -25.23 24.82 15.53
N SER B 385 -25.41 25.64 16.56
CA SER B 385 -26.67 25.78 17.26
C SER B 385 -26.89 27.27 17.54
N LEU B 386 -25.87 27.89 18.15
CA LEU B 386 -25.72 29.34 18.18
C LEU B 386 -25.54 29.84 19.61
N ARG B 405 -29.46 23.18 24.46
CA ARG B 405 -29.64 22.30 23.31
C ARG B 405 -28.43 21.37 23.11
N SER B 406 -28.65 20.27 22.41
CA SER B 406 -27.70 19.17 22.33
C SER B 406 -27.20 19.03 20.90
N PRO B 407 -25.87 18.94 20.71
CA PRO B 407 -25.33 18.96 19.37
C PRO B 407 -25.14 17.56 18.77
N LYS B 408 -25.33 16.52 19.58
CA LYS B 408 -25.21 15.13 19.10
C LYS B 408 -26.55 14.57 18.59
N SER B 409 -26.48 13.83 17.48
CA SER B 409 -27.68 13.32 16.82
C SER B 409 -27.42 11.94 16.25
N LYS B 410 -28.34 11.02 16.48
CA LYS B 410 -28.20 9.68 15.93
C LYS B 410 -29.41 9.29 15.05
N ALA B 411 -29.28 8.16 14.36
CA ALA B 411 -30.33 7.61 13.52
C ALA B 411 -29.90 6.22 13.13
N GLU B 412 -30.82 5.27 13.10
CA GLU B 412 -30.48 3.94 12.65
C GLU B 412 -31.23 3.61 11.38
N ILE B 413 -30.77 2.57 10.71
CA ILE B 413 -31.49 2.04 9.56
C ILE B 413 -31.44 0.52 9.65
N ARG B 414 -32.60 -0.13 9.54
CA ARG B 414 -32.65 -1.56 9.30
C ARG B 414 -33.29 -1.75 7.94
N ALA B 415 -32.86 -2.75 7.19
CA ALA B 415 -33.57 -3.11 5.98
C ALA B 415 -33.46 -4.58 5.62
N LEU B 416 -34.52 -5.10 5.03
CA LEU B 416 -34.50 -6.39 4.38
C LEU B 416 -34.92 -6.15 2.96
N TYR B 417 -34.34 -6.90 2.02
CA TYR B 417 -34.85 -6.86 0.64
C TYR B 417 -34.78 -8.22 -0.04
N VAL B 418 -35.63 -8.43 -1.04
CA VAL B 418 -35.57 -9.61 -1.85
C VAL B 418 -35.87 -9.26 -3.29
N GLU B 419 -35.05 -9.76 -4.20
CA GLU B 419 -35.29 -9.63 -5.62
C GLU B 419 -35.25 -11.07 -6.11
N ASP B 420 -36.14 -11.41 -7.03
CA ASP B 420 -36.06 -12.69 -7.69
C ASP B 420 -36.08 -12.48 -9.18
N ASN B 421 -34.98 -12.88 -9.82
CA ASN B 421 -34.84 -12.71 -11.25
C ASN B 421 -35.21 -14.01 -11.96
N ILE B 422 -36.33 -13.98 -12.68
CA ILE B 422 -36.94 -15.23 -13.16
C ILE B 422 -36.84 -15.31 -14.68
N GLU B 423 -36.40 -16.46 -15.18
CA GLU B 423 -36.56 -16.79 -16.60
C GLU B 423 -37.90 -17.53 -16.88
N LEU B 424 -38.91 -16.79 -17.29
CA LEU B 424 -40.18 -17.38 -17.64
C LEU B 424 -39.98 -18.22 -18.89
N ARG B 425 -39.19 -17.69 -19.80
CA ARG B 425 -38.93 -18.30 -21.09
C ARG B 425 -37.58 -17.78 -21.61
N PRO B 426 -36.86 -18.60 -22.38
CA PRO B 426 -35.71 -18.01 -23.06
C PRO B 426 -36.16 -16.77 -23.81
N GLY B 427 -35.69 -15.62 -23.36
CA GLY B 427 -35.99 -14.36 -24.02
C GLY B 427 -36.86 -13.49 -23.15
N THR B 428 -37.46 -14.08 -22.12
CA THR B 428 -38.31 -13.31 -21.22
C THR B 428 -37.78 -13.34 -19.81
N MET B 429 -37.59 -12.16 -19.23
CA MET B 429 -37.16 -12.03 -17.85
C MET B 429 -38.18 -11.21 -17.05
N LEU B 430 -38.64 -11.80 -15.96
CA LEU B 430 -39.48 -11.10 -15.00
C LEU B 430 -38.80 -11.09 -13.64
N THR B 431 -38.68 -9.91 -13.04
CA THR B 431 -37.87 -9.70 -11.84
C THR B 431 -38.63 -8.87 -10.82
N PRO B 432 -39.48 -9.50 -9.98
CA PRO B 432 -40.10 -8.78 -8.86
C PRO B 432 -39.13 -8.63 -7.70
N GLY B 433 -39.41 -7.67 -6.82
CA GLY B 433 -38.63 -7.50 -5.59
C GLY B 433 -39.35 -6.59 -4.61
N LEU B 434 -38.99 -6.70 -3.33
CA LEU B 434 -39.51 -5.82 -2.30
C LEU B 434 -38.38 -5.43 -1.37
N ARG B 435 -38.39 -4.19 -0.88
CA ARG B 435 -37.42 -3.79 0.12
C ARG B 435 -38.04 -3.03 1.27
N LEU B 436 -37.83 -3.54 2.49
CA LEU B 436 -38.29 -2.85 3.68
C LEU B 436 -37.17 -2.02 4.25
N ASP B 437 -37.37 -0.72 4.35
CA ASP B 437 -36.42 0.15 5.05
C ASP B 437 -37.03 0.73 6.32
N ASP B 438 -36.56 0.27 7.48
CA ASP B 438 -37.08 0.80 8.75
C ASP B 438 -36.14 1.85 9.34
N HIS B 439 -36.70 3.01 9.63
CA HIS B 439 -35.90 4.17 10.01
C HIS B 439 -36.22 4.59 11.43
N SER B 440 -35.21 4.96 12.20
CA SER B 440 -35.40 5.15 13.63
C SER B 440 -36.31 6.34 13.90
N ASP B 441 -36.14 7.41 13.12
CA ASP B 441 -36.98 8.60 13.25
C ASP B 441 -38.32 8.44 12.55
N PHE B 442 -38.36 7.72 11.44
CA PHE B 442 -39.34 7.94 10.35
C PHE B 442 -40.24 6.73 10.03
N GLY B 443 -40.06 5.64 10.78
CA GLY B 443 -40.79 4.42 10.55
C GLY B 443 -40.42 3.72 9.26
N LEU B 444 -41.40 3.04 8.67
CA LEU B 444 -41.14 2.06 7.61
C LEU B 444 -41.30 2.67 6.24
N ASN B 445 -40.57 2.13 5.27
CA ASN B 445 -40.76 2.50 3.88
C ASN B 445 -40.70 1.27 3.00
N TRP B 446 -41.80 0.96 2.32
CA TRP B 446 -41.84 -0.16 1.40
C TRP B 446 -41.51 0.33 0.02
N SER B 447 -40.67 -0.43 -0.65
CA SER B 447 -40.18 -0.06 -1.97
C SER B 447 -40.35 -1.31 -2.85
N PRO B 448 -41.56 -1.54 -3.36
CA PRO B 448 -41.77 -2.70 -4.21
C PRO B 448 -41.42 -2.38 -5.64
N SER B 449 -41.01 -3.38 -6.39
CA SER B 449 -40.55 -3.14 -7.74
C SER B 449 -40.78 -4.35 -8.61
N LEU B 450 -41.13 -4.08 -9.86
CA LEU B 450 -41.16 -5.10 -10.89
C LEU B 450 -40.40 -4.56 -12.08
N ASN B 451 -39.51 -5.39 -12.63
CA ASN B 451 -38.77 -5.06 -13.83
C ASN B 451 -38.88 -6.26 -14.75
N ALA B 452 -38.88 -6.03 -16.06
CA ALA B 452 -38.95 -7.16 -16.97
C ALA B 452 -38.40 -6.85 -18.34
N SER B 453 -37.91 -7.90 -19.00
CA SER B 453 -37.38 -7.77 -20.35
C SER B 453 -37.81 -8.90 -21.26
N GLN B 454 -38.06 -8.54 -22.52
CA GLN B 454 -38.42 -9.50 -23.54
C GLN B 454 -37.57 -9.25 -24.78
N THR B 455 -37.02 -10.31 -25.34
CA THR B 455 -36.29 -10.24 -26.59
C THR B 455 -37.23 -10.38 -27.81
N LEU B 456 -36.98 -9.57 -28.83
CA LEU B 456 -37.82 -9.57 -30.02
C LEU B 456 -37.01 -10.01 -31.22
N GLY B 457 -36.60 -11.27 -31.21
CA GLY B 457 -35.65 -11.76 -32.22
C GLY B 457 -34.21 -11.57 -31.78
N GLU B 458 -33.28 -11.73 -32.71
CA GLU B 458 -31.87 -11.76 -32.36
C GLU B 458 -31.34 -10.36 -32.03
N TYR B 459 -31.99 -9.33 -32.57
CA TYR B 459 -31.37 -8.02 -32.67
C TYR B 459 -32.05 -6.96 -31.82
N PHE B 460 -33.21 -7.27 -31.23
CA PHE B 460 -33.93 -6.26 -30.46
C PHE B 460 -34.21 -6.73 -29.05
N THR B 461 -34.45 -5.80 -28.13
CA THR B 461 -34.92 -6.13 -26.79
C THR B 461 -35.73 -4.99 -26.21
N VAL B 462 -36.74 -5.36 -25.42
CA VAL B 462 -37.62 -4.39 -24.77
C VAL B 462 -37.40 -4.55 -23.28
N LYS B 463 -37.41 -3.43 -22.57
CA LYS B 463 -37.26 -3.47 -21.13
C LYS B 463 -38.19 -2.45 -20.51
N ALA B 464 -38.86 -2.88 -19.44
CA ALA B 464 -39.70 -2.00 -18.67
C ALA B 464 -39.62 -2.36 -17.21
N GLY B 465 -39.89 -1.37 -16.38
CA GLY B 465 -40.03 -1.62 -14.97
C GLY B 465 -40.72 -0.46 -14.28
N ILE B 466 -41.13 -0.70 -13.05
CA ILE B 466 -41.83 0.28 -12.25
C ILE B 466 -41.44 0.02 -10.80
N ALA B 467 -41.28 1.09 -10.01
CA ALA B 467 -40.86 0.95 -8.62
C ALA B 467 -41.16 2.16 -7.75
N ARG B 468 -41.46 1.90 -6.49
CA ARG B 468 -41.51 2.92 -5.44
C ARG B 468 -40.11 3.17 -4.87
N ALA B 469 -39.85 4.41 -4.49
CA ALA B 469 -38.54 4.78 -4.00
C ALA B 469 -38.71 5.97 -3.09
N PHE B 470 -37.75 6.19 -2.20
CA PHE B 470 -37.83 7.31 -1.29
C PHE B 470 -36.48 7.99 -1.05
N LYS B 471 -36.55 9.11 -0.34
CA LYS B 471 -35.38 9.71 0.28
C LYS B 471 -35.74 10.14 1.69
N ALA B 472 -35.10 9.49 2.67
CA ALA B 472 -35.24 9.92 4.06
C ALA B 472 -34.43 11.19 4.27
N PRO B 473 -34.93 12.08 5.12
CA PRO B 473 -34.14 13.25 5.46
C PRO B 473 -32.89 12.89 6.25
N ASN B 474 -31.90 13.77 6.24
CA ASN B 474 -30.74 13.55 7.07
C ASN B 474 -30.88 14.26 8.40
N LEU B 475 -29.91 14.06 9.29
CA LEU B 475 -30.00 14.55 10.66
C LEU B 475 -30.08 16.07 10.72
N TYR B 476 -29.54 16.75 9.71
CA TYR B 476 -29.52 18.22 9.74
C TYR B 476 -30.93 18.73 9.53
N GLN B 477 -31.67 17.99 8.71
CA GLN B 477 -33.00 18.41 8.23
C GLN B 477 -34.10 17.97 9.19
N SER B 478 -33.88 16.86 9.89
CA SER B 478 -34.91 16.28 10.73
C SER B 478 -34.84 16.78 12.17
N ASN B 479 -33.85 17.64 12.47
CA ASN B 479 -33.61 18.08 13.83
C ASN B 479 -33.63 19.59 13.96
N PRO B 480 -34.59 20.14 14.72
CA PRO B 480 -34.80 21.58 14.79
C PRO B 480 -33.69 22.31 15.53
N ASN B 481 -32.83 21.59 16.23
CA ASN B 481 -31.75 22.22 17.01
C ASN B 481 -30.60 22.72 16.14
N TYR B 482 -30.47 22.15 14.95
CA TYR B 482 -29.45 22.59 14.01
C TYR B 482 -29.90 23.79 13.17
N LEU B 483 -29.10 24.85 13.21
CA LEU B 483 -29.25 25.99 12.30
C LEU B 483 -28.05 26.02 11.37
N LEU B 484 -28.31 25.84 10.09
CA LEU B 484 -27.28 25.51 9.12
C LEU B 484 -27.04 26.72 8.23
N TYR B 485 -26.02 27.52 8.56
CA TYR B 485 -25.76 28.81 7.86
C TYR B 485 -25.43 28.56 6.40
N THR B 486 -25.78 29.53 5.57
CA THR B 486 -25.78 29.35 4.13
C THR B 486 -25.65 30.71 3.47
N ARG B 487 -25.23 30.73 2.21
CA ARG B 487 -24.91 31.99 1.53
C ARG B 487 -25.44 31.94 0.10
N GLY B 488 -25.80 33.12 -0.41
CA GLY B 488 -26.17 33.29 -1.81
C GLY B 488 -27.31 32.38 -2.23
N ASN B 489 -27.02 31.48 -3.17
CA ASN B 489 -28.05 30.71 -3.85
C ASN B 489 -28.32 29.39 -3.14
N GLY B 490 -27.95 29.29 -1.88
CA GLY B 490 -28.56 28.33 -0.96
C GLY B 490 -29.73 28.93 -0.18
N CYS B 491 -29.79 30.26 -0.15
CA CYS B 491 -31.00 30.97 0.23
C CYS B 491 -31.88 31.18 -1.00
N PRO B 492 -33.09 30.61 -0.99
CA PRO B 492 -34.10 30.96 -1.98
C PRO B 492 -34.56 32.40 -1.84
N ILE B 493 -34.20 33.04 -0.74
CA ILE B 493 -34.45 34.45 -0.55
C ILE B 493 -33.17 35.19 -0.18
N GLN B 494 -32.93 36.29 -0.87
CA GLN B 494 -31.72 37.05 -0.66
C GLN B 494 -32.02 38.27 0.20
N THR B 495 -31.33 38.34 1.32
CA THR B 495 -31.34 39.53 2.17
C THR B 495 -29.97 40.20 2.08
N SER B 496 -29.85 41.41 2.59
CA SER B 496 -28.61 42.17 2.45
C SER B 496 -27.48 41.59 3.30
N SER B 497 -27.82 40.74 4.26
CA SER B 497 -26.83 39.88 4.93
C SER B 497 -26.23 38.89 3.94
N GLY B 498 -27.01 38.53 2.94
CA GLY B 498 -26.56 37.60 1.92
C GLY B 498 -26.84 36.15 2.26
N GLY B 499 -27.04 35.87 3.54
CA GLY B 499 -27.17 34.49 4.01
C GLY B 499 -28.35 34.25 4.92
N CYS B 500 -28.59 32.97 5.20
CA CYS B 500 -29.73 32.56 6.01
C CYS B 500 -29.51 31.16 6.56
N TYR B 501 -29.94 30.92 7.81
CA TYR B 501 -29.96 29.57 8.36
C TYR B 501 -31.08 28.69 7.79
N LEU B 502 -30.88 27.38 7.84
CA LEU B 502 -31.93 26.40 7.59
C LEU B 502 -32.13 25.47 8.79
N VAL B 503 -33.30 25.62 9.42
CA VAL B 503 -33.62 24.92 10.64
C VAL B 503 -34.13 23.54 10.26
N GLY B 504 -33.75 22.54 11.03
CA GLY B 504 -34.33 21.22 10.88
C GLY B 504 -35.80 21.26 11.21
N ASN B 505 -36.45 20.11 11.02
CA ASN B 505 -37.89 20.03 11.05
C ASN B 505 -38.30 18.62 11.44
N GLU B 506 -38.79 18.47 12.66
CA GLU B 506 -39.08 17.14 13.19
C GLU B 506 -40.32 16.50 12.56
N ASN B 507 -41.13 17.29 11.87
CA ASN B 507 -42.30 16.78 11.16
C ASN B 507 -42.12 16.74 9.64
N LEU B 508 -40.90 16.43 9.20
CA LEU B 508 -40.67 16.18 7.79
C LEU B 508 -41.14 14.80 7.38
N ASP B 509 -41.74 14.71 6.20
CA ASP B 509 -42.05 13.41 5.59
C ASP B 509 -41.02 13.05 4.54
N ALA B 510 -40.75 11.77 4.34
CA ALA B 510 -39.78 11.35 3.34
C ALA B 510 -40.36 11.66 1.96
N GLU B 511 -39.53 12.23 1.09
CA GLU B 511 -39.81 12.19 -0.34
C GLU B 511 -40.18 10.77 -0.74
N THR B 512 -41.26 10.62 -1.49
CA THR B 512 -41.55 9.35 -2.16
C THR B 512 -41.77 9.60 -3.64
N SER B 513 -41.54 8.56 -4.43
CA SER B 513 -41.49 8.69 -5.87
C SER B 513 -41.97 7.36 -6.46
N VAL B 514 -42.72 7.42 -7.55
CA VAL B 514 -42.95 6.21 -8.33
C VAL B 514 -42.23 6.35 -9.65
N ASN B 515 -41.25 5.49 -9.88
CA ASN B 515 -40.40 5.59 -11.06
C ASN B 515 -40.69 4.52 -12.07
N LYS B 516 -40.91 4.94 -13.30
CA LYS B 516 -41.37 4.06 -14.35
C LYS B 516 -40.41 4.22 -15.50
N GLU B 517 -40.09 3.13 -16.19
CA GLU B 517 -39.35 3.23 -17.44
C GLU B 517 -39.80 2.18 -18.45
N LEU B 518 -39.63 2.52 -19.72
CA LEU B 518 -39.86 1.57 -20.79
C LEU B 518 -38.94 1.94 -21.93
N GLY B 519 -38.23 0.95 -22.47
CA GLY B 519 -37.27 1.24 -23.51
C GLY B 519 -37.03 0.10 -24.47
N ILE B 520 -36.50 0.45 -25.63
CA ILE B 520 -36.05 -0.55 -26.57
C ILE B 520 -34.55 -0.39 -26.94
N GLU B 521 -33.90 -1.51 -27.25
CA GLU B 521 -32.54 -1.48 -27.73
C GLU B 521 -32.35 -2.35 -28.94
N PHE B 522 -31.58 -1.85 -29.89
CA PHE B 522 -31.21 -2.59 -31.08
C PHE B 522 -29.68 -2.83 -31.06
N ARG B 523 -29.26 -3.99 -31.57
CA ARG B 523 -27.88 -4.42 -31.51
C ARG B 523 -27.63 -5.39 -32.66
N ARG B 524 -27.02 -4.91 -33.72
CA ARG B 524 -26.59 -5.77 -34.80
C ARG B 524 -25.30 -5.26 -35.44
N ASP B 525 -24.32 -6.13 -35.64
CA ASP B 525 -23.12 -5.81 -36.43
C ASP B 525 -22.29 -4.63 -35.90
N GLY B 526 -21.98 -4.64 -34.61
CA GLY B 526 -21.34 -3.50 -33.97
C GLY B 526 -22.15 -2.21 -33.92
N TRP B 527 -23.33 -2.21 -34.53
CA TRP B 527 -24.31 -1.15 -34.33
C TRP B 527 -25.04 -1.33 -33.02
N VAL B 528 -25.30 -0.20 -32.35
CA VAL B 528 -26.11 -0.17 -31.16
C VAL B 528 -26.97 1.09 -31.17
N ALA B 529 -28.24 0.90 -30.86
CA ALA B 529 -29.20 2.01 -30.78
C ALA B 529 -30.23 1.67 -29.72
N GLY B 530 -30.42 2.59 -28.79
CA GLY B 530 -31.36 2.39 -27.72
C GLY B 530 -32.11 3.67 -27.44
N LEU B 531 -33.41 3.54 -27.22
CA LEU B 531 -34.21 4.65 -26.70
C LEU B 531 -35.08 4.21 -25.51
N THR B 532 -35.14 5.03 -24.46
CA THR B 532 -35.91 4.71 -23.25
C THR B 532 -36.76 5.88 -22.76
N TYR B 533 -38.04 5.60 -22.53
CA TYR B 533 -38.96 6.54 -21.88
C TYR B 533 -38.97 6.33 -20.37
N PHE B 534 -38.80 7.41 -19.63
CA PHE B 534 -38.86 7.35 -18.19
C PHE B 534 -39.79 8.43 -17.73
N ARG B 535 -40.39 8.17 -16.58
CA ARG B 535 -41.28 9.12 -15.94
C ARG B 535 -41.24 8.78 -14.49
N ASN B 536 -41.01 9.80 -13.67
CA ASN B 536 -41.01 9.61 -12.23
C ASN B 536 -42.02 10.60 -11.66
N ASP B 537 -42.81 10.14 -10.71
CA ASP B 537 -43.88 10.96 -10.12
C ASP B 537 -43.65 11.03 -8.63
N TYR B 538 -43.22 12.19 -8.12
CA TYR B 538 -42.65 12.22 -6.78
C TYR B 538 -43.33 13.27 -5.90
N LYS B 539 -43.32 13.04 -4.59
CA LYS B 539 -43.99 13.90 -3.61
C LYS B 539 -43.02 14.77 -2.82
N ASN B 540 -42.81 14.44 -1.56
CA ASN B 540 -42.35 15.45 -0.60
C ASN B 540 -40.83 15.65 -0.69
N LYS B 541 -40.38 16.07 -1.87
CA LYS B 541 -39.03 16.52 -2.03
C LYS B 541 -38.71 17.49 -0.88
N ILE B 542 -37.56 17.30 -0.25
CA ILE B 542 -37.14 18.13 0.87
C ILE B 542 -36.39 19.34 0.33
N VAL B 543 -36.77 20.53 0.78
CA VAL B 543 -36.38 21.76 0.12
C VAL B 543 -36.48 22.94 1.07
N ALA B 544 -35.73 23.99 0.78
CA ALA B 544 -35.76 25.19 1.59
C ALA B 544 -36.83 26.16 1.08
N PRO B 545 -37.76 26.57 1.96
CA PRO B 545 -38.98 27.25 1.53
C PRO B 545 -38.79 28.74 1.27
N LEU B 546 -39.79 29.36 0.63
CA LEU B 546 -39.87 30.81 0.53
C LEU B 546 -40.37 31.40 1.84
N ASP B 547 -41.08 30.58 2.61
CA ASP B 547 -41.55 31.02 3.91
C ASP B 547 -40.41 31.17 4.93
N VAL B 548 -40.32 32.36 5.51
CA VAL B 548 -39.30 32.67 6.50
C VAL B 548 -39.83 32.50 7.90
N MET B 549 -39.45 31.41 8.55
CA MET B 549 -39.87 31.12 9.91
C MET B 549 -39.65 32.29 10.87
N GLY B 550 -38.45 32.88 10.83
CA GLY B 550 -38.12 33.95 11.75
C GLY B 550 -36.86 34.68 11.34
N GLN B 551 -36.76 35.95 11.75
CA GLN B 551 -35.63 36.81 11.37
C GLN B 551 -34.57 36.80 12.46
N THR B 552 -34.79 35.98 13.48
CA THR B 552 -33.76 35.76 14.50
C THR B 552 -32.47 35.32 13.78
N GLY B 553 -31.32 35.55 14.42
CA GLY B 553 -30.05 35.41 13.74
C GLY B 553 -29.59 36.77 13.26
N THR B 554 -30.09 37.82 13.93
CA THR B 554 -29.52 39.17 13.85
C THR B 554 -29.88 39.90 12.55
N GLY B 555 -30.97 39.45 11.91
CA GLY B 555 -31.38 39.97 10.62
C GLY B 555 -31.14 39.00 9.47
N ASN B 556 -30.51 37.87 9.77
CA ASN B 556 -30.40 36.78 8.81
C ASN B 556 -31.66 35.92 8.85
N ASN B 557 -32.30 35.76 7.70
CA ASN B 557 -33.54 34.98 7.65
C ASN B 557 -33.33 33.57 8.21
N ILE B 558 -34.34 33.02 8.86
CA ILE B 558 -34.32 31.63 9.31
C ILE B 558 -35.43 30.84 8.62
N LEU B 559 -35.03 29.92 7.76
CA LEU B 559 -35.96 29.11 7.00
C LEU B 559 -36.07 27.75 7.64
N GLN B 560 -37.11 27.00 7.29
CA GLN B 560 -37.26 25.65 7.77
C GLN B 560 -37.42 24.64 6.64
N TRP B 561 -36.79 23.49 6.80
CA TRP B 561 -36.84 22.44 5.79
C TRP B 561 -38.26 21.93 5.68
N SER B 562 -38.71 21.70 4.46
CA SER B 562 -40.12 21.57 4.19
C SER B 562 -40.38 20.51 3.14
N ASN B 563 -41.65 20.14 3.00
CA ASN B 563 -42.06 19.15 2.02
C ASN B 563 -42.67 19.81 0.79
N ALA B 564 -42.15 19.49 -0.38
CA ALA B 564 -42.57 20.13 -1.62
C ALA B 564 -43.79 19.39 -2.08
N LYS B 565 -44.67 20.14 -2.72
CA LYS B 565 -45.88 19.62 -3.37
C LYS B 565 -45.52 18.70 -4.52
N LYS B 566 -46.45 17.84 -4.92
CA LYS B 566 -46.19 16.79 -5.91
C LYS B 566 -45.63 17.32 -7.22
N ALA B 567 -44.91 16.46 -7.95
CA ALA B 567 -44.22 16.89 -9.16
C ALA B 567 -43.92 15.71 -10.09
N VAL B 568 -43.66 16.02 -11.35
CA VAL B 568 -43.34 15.01 -12.34
C VAL B 568 -42.02 15.27 -13.07
N VAL B 569 -41.30 14.20 -13.38
CA VAL B 569 -40.25 14.27 -14.38
C VAL B 569 -40.48 13.25 -15.46
N GLU B 570 -40.12 13.59 -16.70
CA GLU B 570 -40.22 12.62 -17.78
C GLU B 570 -39.37 12.98 -18.97
N GLY B 571 -38.74 11.98 -19.56
CA GLY B 571 -37.80 12.23 -20.62
C GLY B 571 -37.51 11.05 -21.52
N LEU B 572 -36.65 11.30 -22.49
CA LEU B 572 -36.06 10.25 -23.29
C LEU B 572 -34.58 10.12 -23.02
N GLU B 573 -34.11 8.89 -22.92
CA GLU B 573 -32.69 8.58 -23.01
C GLU B 573 -32.45 7.88 -24.32
N GLY B 574 -31.49 8.36 -25.10
CA GLY B 574 -31.11 7.67 -26.33
C GLY B 574 -29.62 7.40 -26.32
N ASN B 575 -29.23 6.31 -26.98
CA ASN B 575 -27.83 6.00 -27.14
C ASN B 575 -27.54 5.40 -28.48
N LEU B 576 -26.66 6.03 -29.24
CA LEU B 576 -26.33 5.55 -30.55
C LEU B 576 -24.85 5.25 -30.63
N LEU B 577 -24.51 4.14 -31.29
CA LEU B 577 -23.13 3.80 -31.58
C LEU B 577 -22.98 3.20 -32.97
N VAL B 578 -22.13 3.83 -33.79
CA VAL B 578 -22.06 3.49 -35.19
C VAL B 578 -20.61 3.24 -35.60
N PRO B 579 -20.32 2.04 -36.13
CA PRO B 579 -18.99 1.76 -36.68
C PRO B 579 -18.86 2.28 -38.11
N LEU B 580 -18.23 3.43 -38.29
CA LEU B 580 -18.08 4.01 -39.63
C LEU B 580 -17.04 3.27 -40.43
N HIS B 581 -16.15 2.58 -39.73
CA HIS B 581 -14.97 1.93 -40.33
C HIS B 581 -14.31 1.04 -39.29
N GLU B 582 -13.52 0.07 -39.73
CA GLU B 582 -12.86 -0.83 -38.78
C GLU B 582 -12.26 -0.06 -37.60
N ASP B 583 -11.66 1.10 -37.86
CA ASP B 583 -11.00 1.84 -36.79
C ASP B 583 -11.64 3.20 -36.54
N LEU B 584 -12.90 3.34 -36.93
CA LEU B 584 -13.61 4.61 -36.73
C LEU B 584 -15.00 4.30 -36.21
N SER B 585 -15.47 5.05 -35.22
CA SER B 585 -16.80 4.85 -34.65
C SER B 585 -17.37 6.14 -34.08
N TRP B 586 -18.66 6.31 -34.21
CA TRP B 586 -19.31 7.54 -33.81
C TRP B 586 -20.40 7.19 -32.81
N SER B 587 -20.41 7.92 -31.70
CA SER B 587 -21.17 7.51 -30.54
C SER B 587 -21.83 8.75 -29.98
N THR B 588 -23.10 8.66 -29.70
CA THR B 588 -23.78 9.80 -29.17
C THR B 588 -24.82 9.38 -28.15
N ASN B 589 -25.06 10.27 -27.20
CA ASN B 589 -25.79 9.97 -25.98
C ASN B 589 -26.65 11.15 -25.65
N LEU B 590 -27.95 10.92 -25.55
CA LEU B 590 -28.94 11.99 -25.58
C LEU B 590 -29.61 11.98 -24.23
N THR B 591 -29.82 13.12 -23.59
CA THR B 591 -30.87 13.20 -22.55
C THR B 591 -31.93 14.28 -22.80
N TYR B 592 -33.20 13.94 -22.70
CA TYR B 592 -34.28 14.92 -22.96
C TYR B 592 -35.38 14.87 -21.90
N MET B 593 -35.58 15.93 -21.12
CA MET B 593 -36.63 15.90 -20.11
C MET B 593 -37.53 17.11 -20.02
N LEU B 594 -38.77 16.86 -19.58
CA LEU B 594 -39.70 17.88 -19.11
C LEU B 594 -40.00 17.69 -17.62
N GLN B 595 -39.91 18.79 -16.87
CA GLN B 595 -39.93 18.75 -15.41
C GLN B 595 -40.91 19.81 -14.94
N SER B 596 -42.19 19.52 -15.05
CA SER B 596 -43.21 20.39 -14.50
C SER B 596 -43.48 20.01 -13.05
N LYS B 597 -44.32 20.80 -12.37
CA LYS B 597 -44.84 20.43 -11.06
C LYS B 597 -46.36 20.61 -11.02
N ASP B 598 -47.04 19.65 -10.41
CA ASP B 598 -48.50 19.70 -10.29
C ASP B 598 -48.93 20.56 -9.11
N PRO B 609 -38.12 22.53 -20.75
CA PRO B 609 -37.99 21.31 -21.54
C PRO B 609 -36.60 21.26 -22.17
N GLU B 610 -35.66 20.67 -21.44
CA GLU B 610 -34.25 20.77 -21.79
C GLU B 610 -33.78 19.45 -22.41
N TYR B 611 -32.63 19.48 -23.07
CA TYR B 611 -31.92 18.27 -23.47
C TYR B 611 -30.42 18.49 -23.46
N THR B 612 -29.66 17.41 -23.25
CA THR B 612 -28.22 17.42 -23.50
C THR B 612 -27.90 16.35 -24.54
N LEU B 613 -26.87 16.57 -25.35
CA LEU B 613 -26.42 15.58 -26.35
C LEU B 613 -24.91 15.47 -26.38
N ASN B 614 -24.40 14.27 -26.11
CA ASN B 614 -22.96 14.08 -25.88
C ASN B 614 -22.43 13.12 -26.91
N SER B 615 -21.51 13.58 -27.75
CA SER B 615 -21.07 12.76 -28.86
C SER B 615 -19.57 12.62 -28.91
N THR B 616 -19.11 11.52 -29.51
CA THR B 616 -17.68 11.25 -29.62
C THR B 616 -17.38 10.56 -30.94
N LEU B 617 -16.52 11.17 -31.74
CA LEU B 617 -15.93 10.49 -32.88
C LEU B 617 -14.59 9.93 -32.43
N ASP B 618 -14.38 8.64 -32.65
CA ASP B 618 -13.19 7.99 -32.15
C ASP B 618 -12.43 7.32 -33.28
N TRP B 619 -11.13 7.59 -33.34
CA TRP B 619 -10.30 7.11 -34.43
C TRP B 619 -9.09 6.39 -33.88
N GLN B 620 -9.10 5.07 -34.00
CA GLN B 620 -7.93 4.25 -33.74
C GLN B 620 -7.09 4.31 -35.00
N ALA B 621 -6.33 5.40 -35.16
CA ALA B 621 -5.51 5.60 -36.36
C ALA B 621 -4.49 4.48 -36.49
N SER B 622 -3.84 4.17 -35.38
CA SER B 622 -2.90 3.04 -35.32
C SER B 622 -3.17 2.20 -34.08
N GLU B 623 -2.46 1.09 -33.95
CA GLU B 623 -2.50 0.35 -32.71
C GLU B 623 -2.20 1.30 -31.56
N ARG B 624 -1.20 2.15 -31.75
CA ARG B 624 -0.67 2.96 -30.67
C ARG B 624 -1.30 4.34 -30.61
N LEU B 625 -1.79 4.83 -31.73
CA LEU B 625 -2.40 6.16 -31.78
C LEU B 625 -3.94 6.18 -31.81
N SER B 626 -4.50 7.06 -30.98
CA SER B 626 -5.93 7.10 -30.76
C SER B 626 -6.41 8.55 -30.64
N THR B 627 -7.47 8.89 -31.37
CA THR B 627 -7.87 10.29 -31.50
C THR B 627 -9.36 10.48 -31.35
N GLN B 628 -9.74 11.50 -30.58
CA GLN B 628 -11.15 11.83 -30.39
C GLN B 628 -11.46 13.24 -30.83
N LEU B 629 -12.61 13.37 -31.50
CA LEU B 629 -13.36 14.62 -31.55
C LEU B 629 -14.58 14.47 -30.68
N THR B 630 -14.81 15.41 -29.78
CA THR B 630 -15.99 15.34 -28.93
C THR B 630 -16.75 16.65 -28.89
N SER B 631 -18.06 16.50 -28.71
CA SER B 631 -18.94 17.63 -28.61
C SER B 631 -19.94 17.38 -27.49
N THR B 632 -20.44 18.46 -26.91
CA THR B 632 -21.51 18.42 -25.94
C THR B 632 -22.46 19.55 -26.32
N ILE B 633 -23.73 19.23 -26.47
CA ILE B 633 -24.70 20.23 -26.94
C ILE B 633 -25.88 20.31 -26.00
N TYR B 634 -26.14 21.50 -25.47
CA TYR B 634 -27.26 21.74 -24.56
C TYR B 634 -28.37 22.49 -25.26
N GLY B 635 -29.60 22.19 -24.87
CA GLY B 635 -30.76 22.90 -25.38
C GLY B 635 -31.74 23.10 -24.25
N GLY B 657 -33.04 28.06 -26.62
CA GLY B 657 -31.64 28.25 -27.00
C GLY B 657 -30.89 26.93 -27.13
N THR B 658 -29.88 26.91 -28.00
CA THR B 658 -29.06 25.73 -28.28
C THR B 658 -27.68 26.30 -28.16
N TYR B 659 -26.74 25.61 -27.53
CA TYR B 659 -25.32 25.99 -27.63
C TYR B 659 -24.41 24.78 -27.51
N GLY B 660 -23.11 24.98 -27.77
CA GLY B 660 -22.23 23.88 -28.17
C GLY B 660 -20.80 24.04 -27.69
N ILE B 661 -20.08 22.92 -27.65
CA ILE B 661 -18.79 22.90 -27.01
C ILE B 661 -18.05 21.69 -27.52
N TRP B 662 -16.89 21.93 -28.13
CA TRP B 662 -16.10 20.88 -28.75
C TRP B 662 -14.71 20.73 -28.14
N GLY B 663 -14.27 19.48 -28.01
CA GLY B 663 -12.88 19.19 -27.64
C GLY B 663 -12.20 18.26 -28.62
N VAL B 664 -10.88 18.33 -28.65
CA VAL B 664 -10.06 17.40 -29.42
C VAL B 664 -8.94 16.83 -28.53
N SER B 665 -8.54 15.60 -28.84
CA SER B 665 -7.83 14.77 -27.89
C SER B 665 -7.02 13.71 -28.63
N ALA B 666 -5.82 13.45 -28.14
CA ALA B 666 -5.00 12.41 -28.72
C ALA B 666 -4.43 11.55 -27.60
N GLY B 667 -4.13 10.30 -27.92
CA GLY B 667 -3.37 9.44 -27.01
C GLY B 667 -2.33 8.64 -27.77
N TYR B 668 -1.15 8.51 -27.19
CA TYR B 668 -0.15 7.59 -27.74
C TYR B 668 0.41 6.63 -26.69
N THR B 669 0.59 5.38 -27.14
CA THR B 669 1.12 4.32 -26.30
C THR B 669 2.45 3.81 -26.88
N PHE B 670 3.53 4.09 -26.15
CA PHE B 670 4.89 3.82 -26.64
C PHE B 670 5.27 2.38 -26.41
N SER B 671 4.57 1.75 -25.48
CA SER B 671 5.03 0.51 -24.87
C SER B 671 4.06 0.08 -23.78
N GLU B 672 4.29 -1.10 -23.24
CA GLU B 672 3.57 -1.50 -22.06
C GLU B 672 3.83 -0.55 -20.89
N ASN B 673 4.97 0.13 -20.89
CA ASN B 673 5.37 0.92 -19.72
C ASN B 673 5.00 2.40 -19.73
N LEU B 674 4.81 2.98 -20.92
CA LEU B 674 4.61 4.41 -20.99
C LEU B 674 3.61 4.80 -22.06
N SER B 675 2.80 5.81 -21.77
CA SER B 675 1.75 6.25 -22.69
C SER B 675 1.36 7.68 -22.38
N VAL B 676 0.86 8.41 -23.37
CA VAL B 676 0.70 9.85 -23.22
C VAL B 676 -0.60 10.31 -23.87
N ARG B 677 -1.25 11.28 -23.22
CA ARG B 677 -2.53 11.80 -23.65
C ARG B 677 -2.45 13.32 -23.61
N GLY B 678 -2.92 13.97 -24.67
CA GLY B 678 -3.06 15.42 -24.68
C GLY B 678 -4.33 15.88 -25.37
N GLY B 679 -4.77 17.10 -25.09
CA GLY B 679 -6.04 17.58 -25.60
C GLY B 679 -6.28 19.07 -25.46
N VAL B 680 -7.28 19.55 -26.23
CA VAL B 680 -7.88 20.84 -26.02
C VAL B 680 -9.33 20.64 -25.66
N SER B 681 -9.78 21.36 -24.66
CA SER B 681 -11.17 21.37 -24.26
C SER B 681 -11.78 22.73 -24.56
N ASN B 682 -13.00 22.74 -25.09
CA ASN B 682 -13.63 23.97 -25.60
C ASN B 682 -12.70 24.57 -26.66
N LEU B 683 -12.40 23.77 -27.68
CA LEU B 683 -11.78 24.25 -28.90
C LEU B 683 -12.11 25.70 -29.23
N PHE B 684 -13.39 26.01 -29.34
CA PHE B 684 -13.80 27.32 -29.88
C PHE B 684 -13.89 28.43 -28.83
N ASP B 685 -13.48 28.14 -27.60
CA ASP B 685 -13.62 29.08 -26.48
C ASP B 685 -15.01 29.74 -26.39
N LYS B 686 -16.09 28.98 -26.66
CA LYS B 686 -17.45 29.49 -26.52
C LYS B 686 -17.71 29.79 -25.04
N ARG B 687 -18.32 30.93 -24.76
CA ARG B 687 -18.62 31.31 -23.37
C ARG B 687 -20.09 31.73 -23.20
N LEU B 688 -20.39 33.00 -23.40
CA LEU B 688 -21.75 33.53 -23.19
C LEU B 688 -22.82 32.58 -23.76
N GLU B 704 -19.13 28.90 -17.23
CA GLU B 704 -18.78 28.18 -18.47
C GLU B 704 -17.29 28.29 -18.78
N PRO B 705 -16.53 27.23 -18.47
CA PRO B 705 -15.04 27.29 -18.58
C PRO B 705 -14.61 27.53 -20.02
N GLY B 706 -13.62 28.40 -20.21
CA GLY B 706 -13.07 28.66 -21.53
C GLY B 706 -12.28 27.49 -22.11
N ARG B 707 -11.60 27.73 -23.23
CA ARG B 707 -10.65 26.77 -23.79
C ARG B 707 -9.49 26.48 -22.84
N ALA B 708 -9.00 25.24 -22.88
CA ALA B 708 -7.98 24.79 -21.96
C ALA B 708 -7.22 23.57 -22.49
N TYR B 709 -5.89 23.63 -22.30
CA TYR B 709 -4.99 22.57 -22.74
C TYR B 709 -4.64 21.64 -21.60
N TYR B 710 -4.68 20.34 -21.86
CA TYR B 710 -4.27 19.36 -20.88
C TYR B 710 -3.33 18.28 -21.43
N VAL B 711 -2.53 17.70 -20.53
CA VAL B 711 -1.53 16.71 -20.90
C VAL B 711 -1.53 15.66 -19.79
N SER B 712 -1.47 14.39 -20.17
CA SER B 712 -1.30 13.32 -19.19
C SER B 712 -0.19 12.36 -19.58
N MET B 713 0.56 11.88 -18.58
CA MET B 713 1.54 10.82 -18.78
C MET B 713 1.24 9.70 -17.79
N THR B 714 1.21 8.47 -18.27
CA THR B 714 1.07 7.33 -17.39
C THR B 714 2.27 6.37 -17.55
N THR B 715 3.05 6.25 -16.47
CA THR B 715 4.10 5.25 -16.35
C THR B 715 3.54 4.07 -15.57
N SER B 716 4.04 2.86 -15.82
CA SER B 716 3.46 1.66 -15.17
C SER B 716 4.33 0.46 -15.39
N PHE B 717 4.33 -0.49 -14.45
CA PHE B 717 5.29 -1.59 -14.58
C PHE B 717 4.66 -2.95 -14.35
N LEU B 718 3.57 -3.18 -15.08
CA LEU B 718 2.95 -4.49 -15.20
C LEU B 718 4.01 -5.48 -15.65
N UNK C 1 25.00 -0.28 23.73
CA UNK C 1 23.74 -1.06 23.68
C UNK C 1 23.12 -1.12 22.28
N UNK C 2 23.86 -0.68 21.26
CA UNK C 2 23.30 -0.48 19.92
C UNK C 2 23.55 -1.70 19.04
N UNK C 3 22.71 -2.72 19.20
CA UNK C 3 22.93 -4.01 18.55
C UNK C 3 21.67 -4.51 17.85
N UNK C 4 20.64 -3.66 17.77
CA UNK C 4 19.29 -4.13 17.51
C UNK C 4 18.44 -3.13 16.75
N UNK C 5 17.46 -3.65 16.02
CA UNK C 5 16.44 -2.82 15.39
C UNK C 5 15.27 -2.55 16.32
N UNK C 6 15.58 -2.26 17.58
CA UNK C 6 14.59 -1.79 18.53
C UNK C 6 14.76 -0.29 18.75
N UNK C 7 15.94 0.13 19.18
CA UNK C 7 16.27 1.55 19.27
C UNK C 7 16.26 2.18 17.88
N UNK D 1 -28.91 -10.89 -22.01
CA UNK D 1 -29.51 -11.73 -20.94
C UNK D 1 -30.11 -10.88 -19.84
N UNK D 2 -30.51 -11.53 -18.75
CA UNK D 2 -31.24 -10.87 -17.67
C UNK D 2 -30.34 -10.05 -16.76
N UNK D 3 -30.60 -8.75 -16.69
CA UNK D 3 -29.66 -7.80 -16.12
C UNK D 3 -29.70 -7.83 -14.59
N UNK D 4 -28.64 -8.35 -13.99
CA UNK D 4 -28.36 -8.12 -12.58
C UNK D 4 -27.06 -7.34 -12.41
N UNK D 5 -26.56 -6.76 -13.50
CA UNK D 5 -25.23 -6.16 -13.54
C UNK D 5 -25.19 -4.79 -12.87
N UNK D 6 -25.39 -4.78 -11.56
CA UNK D 6 -25.68 -3.56 -10.82
C UNK D 6 -24.75 -3.40 -9.63
N UNK D 7 -23.71 -4.23 -9.59
CA UNK D 7 -22.97 -4.45 -8.35
C UNK D 7 -21.51 -4.81 -8.58
N UNK D 8 -20.65 -4.28 -7.72
CA UNK D 8 -19.25 -4.67 -7.67
C UNK D 8 -19.07 -5.97 -6.90
N UNK D 9 -20.00 -6.90 -7.09
CA UNK D 9 -19.81 -8.28 -6.66
C UNK D 9 -19.52 -9.18 -7.87
N UNK D 10 -20.37 -9.09 -8.90
CA UNK D 10 -20.13 -9.84 -10.13
C UNK D 10 -18.90 -9.28 -10.85
#